data_2Y52
#
_entry.id   2Y52
#
_cell.length_a   58.050
_cell.length_b   68.130
_cell.length_c   78.080
_cell.angle_alpha   112.23
_cell.angle_beta   90.56
_cell.angle_gamma   111.69
#
_symmetry.space_group_name_H-M   'P 1'
#
loop_
_entity.id
_entity.type
_entity.pdbx_description
1 polymer 'ALDEHYDE DEHYDROGENASE (BOX PATHWAY)'
2 non-polymer GLYCEROL
3 water water
#
_entity_poly.entity_id   1
_entity_poly.type   'polypeptide(L)'
_entity_poly.pdbx_seq_one_letter_code
;GSHMTELLKNHVAGQWIAGTGAGITLTDPVTGVALVRVSSEGLDLARAFSFAREDGGAALRALTYAQRAARLADIVKLLQ
AKRGDYYAIATANSGTTRNDSAVDIDGGIFTLSYYAKLGASLGEVHALRDGSAESLSKDRSFSAQHVLSPTRGVALFINA
FNFPSWGLWEKAAPALLSGVPVIVKPATATAWLTQRMVADVVDAGILPPGALSIICGSSAGLLDQIRSFDVVSFTGSADT
AATLRAHPAFVQRGARLNVEADSLNSAILCADATPDTPAFDLFIKEVVREMTVKSGQKCTAIRRAFVPEAALEPVLEALK
AKLAKITVGNPRNDAVRMGSLVSREQYENVLAGIAALREEAVLAYDSSAVPLIDADANIAACVAPHLFVVNDPDNATLLH
DVEVFGPVASVAPYRVTTDTNALPEAHAVALARRGQGSLVASIYSNDDAHLGRLALELADSHGRVHAISPSVQHSQTGHG
NVMPMSLHGGPGRAGGGEALGGLRALAFYHRRSAIQAASAAIGTLTQATHWPAA
;
_entity_poly.pdbx_strand_id   A,B
#
# COMPACT_ATOMS: atom_id res chain seq x y z
N HIS A 3 -2.37 38.38 -28.88
CA HIS A 3 -1.00 38.02 -29.41
C HIS A 3 0.22 38.63 -28.72
N MET A 4 0.99 37.84 -27.98
CA MET A 4 0.44 36.69 -27.29
C MET A 4 1.15 36.68 -25.95
N THR A 5 0.44 36.21 -24.91
CA THR A 5 1.08 36.07 -23.58
C THR A 5 2.18 34.98 -23.63
N GLU A 6 3.02 34.94 -22.60
CA GLU A 6 4.14 34.01 -22.50
C GLU A 6 3.72 32.54 -22.56
N LEU A 7 4.31 31.79 -23.51
CA LEU A 7 4.18 30.33 -23.47
C LEU A 7 5.22 29.73 -22.52
N LEU A 8 4.75 29.16 -21.41
CA LEU A 8 5.71 28.53 -20.43
C LEU A 8 6.26 27.22 -21.06
N LYS A 9 7.58 27.08 -20.96
CA LYS A 9 8.23 25.87 -21.44
C LYS A 9 8.15 24.72 -20.44
N ASN A 10 8.25 23.50 -20.94
CA ASN A 10 8.39 22.31 -20.09
C ASN A 10 9.87 22.07 -19.73
N HIS A 11 10.17 21.41 -18.60
CA HIS A 11 11.54 21.01 -18.35
C HIS A 11 11.65 19.46 -18.36
N VAL A 12 12.23 18.94 -19.44
CA VAL A 12 12.21 17.53 -19.76
C VAL A 12 13.57 17.13 -20.31
N ALA A 13 14.04 15.94 -19.87
CA ALA A 13 15.33 15.38 -20.34
C ALA A 13 16.44 16.45 -20.11
N GLY A 14 16.37 17.15 -18.95
CA GLY A 14 17.31 18.24 -18.61
C GLY A 14 17.28 19.52 -19.54
N GLN A 15 16.25 19.71 -20.37
CA GLN A 15 16.22 20.88 -21.29
C GLN A 15 14.85 21.60 -21.16
N TRP A 16 14.81 22.89 -21.51
CA TRP A 16 13.53 23.62 -21.63
C TRP A 16 13.05 23.53 -23.05
N ILE A 17 11.86 22.99 -23.22
CA ILE A 17 11.29 22.71 -24.52
C ILE A 17 9.88 23.24 -24.52
N ALA A 18 9.56 24.15 -25.45
CA ALA A 18 8.16 24.52 -25.70
C ALA A 18 7.31 23.45 -26.39
N GLY A 19 6.02 23.33 -26.01
CA GLY A 19 5.06 22.52 -26.76
C GLY A 19 4.76 23.29 -28.01
N THR A 20 4.28 22.59 -29.03
CA THR A 20 3.89 23.22 -30.28
C THR A 20 2.48 23.75 -30.21
N GLY A 21 2.08 24.48 -31.26
CA GLY A 21 0.72 24.94 -31.39
C GLY A 21 0.40 26.18 -30.57
N ALA A 22 -0.88 26.51 -30.56
CA ALA A 22 -1.40 27.72 -29.88
C ALA A 22 -1.32 27.67 -28.34
N GLY A 23 -1.45 26.49 -27.74
CA GLY A 23 -1.36 26.42 -26.29
C GLY A 23 -2.74 26.73 -25.69
N ILE A 24 -2.86 26.52 -24.38
CA ILE A 24 -4.10 26.77 -23.66
C ILE A 24 -3.81 27.94 -22.74
N THR A 25 -4.66 28.95 -22.82
CA THR A 25 -4.48 30.16 -22.02
C THR A 25 -4.95 30.02 -20.56
N LEU A 26 -4.08 30.48 -19.66
CA LEU A 26 -4.48 30.62 -18.24
C LEU A 26 -4.98 32.07 -18.02
N THR A 27 -6.03 32.26 -17.20
CA THR A 27 -6.63 33.58 -17.04
C THR A 27 -6.85 33.91 -15.54
N ASP A 28 -6.97 35.18 -15.26
CA ASP A 28 -7.21 35.66 -13.88
C ASP A 28 -8.70 35.45 -13.61
N PRO A 29 -9.05 34.73 -12.52
CA PRO A 29 -10.48 34.35 -12.35
C PRO A 29 -11.35 35.47 -11.82
N VAL A 30 -10.75 36.61 -11.46
CA VAL A 30 -11.47 37.84 -11.04
C VAL A 30 -11.63 38.81 -12.20
N THR A 31 -10.52 39.12 -12.89
CA THR A 31 -10.54 40.20 -13.92
C THR A 31 -10.70 39.67 -15.34
N GLY A 32 -10.44 38.38 -15.57
CA GLY A 32 -10.57 37.77 -16.92
C GLY A 32 -9.40 38.02 -17.86
N VAL A 33 -8.36 38.69 -17.35
CA VAL A 33 -7.09 38.94 -18.03
C VAL A 33 -6.36 37.65 -18.43
N ALA A 34 -5.81 37.61 -19.65
CA ALA A 34 -5.01 36.45 -20.15
C ALA A 34 -3.63 36.58 -19.49
N LEU A 35 -3.15 35.52 -18.82
CA LEU A 35 -1.89 35.56 -18.08
C LEU A 35 -0.68 34.92 -18.78
N VAL A 36 -0.75 33.62 -19.06
CA VAL A 36 0.34 32.80 -19.64
C VAL A 36 -0.37 31.71 -20.46
N ARG A 37 0.41 30.98 -21.27
CA ARG A 37 -0.09 29.83 -22.03
C ARG A 37 0.76 28.60 -21.67
N VAL A 38 0.17 27.42 -21.76
CA VAL A 38 0.89 26.14 -21.62
C VAL A 38 0.62 25.23 -22.85
N SER A 39 1.57 24.35 -23.12
CA SER A 39 1.45 23.32 -24.16
C SER A 39 2.45 22.20 -23.94
N SER A 40 1.97 20.96 -23.99
CA SER A 40 2.83 19.76 -23.98
C SER A 40 2.90 19.14 -25.37
N GLU A 41 2.25 19.76 -26.35
CA GLU A 41 2.16 19.12 -27.67
C GLU A 41 3.52 18.81 -28.30
N GLY A 42 3.65 17.57 -28.78
CA GLY A 42 4.87 17.09 -29.47
C GLY A 42 6.08 16.79 -28.63
N LEU A 43 5.90 16.75 -27.31
CA LEU A 43 7.07 16.42 -26.48
C LEU A 43 7.45 14.94 -26.66
N ASP A 44 8.75 14.64 -26.54
CA ASP A 44 9.24 13.22 -26.62
C ASP A 44 9.12 12.63 -25.22
N LEU A 45 8.02 12.00 -24.91
CA LEU A 45 7.79 11.49 -23.52
C LEU A 45 8.69 10.29 -23.14
N ALA A 46 8.97 9.40 -24.12
CA ALA A 46 9.89 8.27 -23.86
C ALA A 46 11.20 8.80 -23.31
N ARG A 47 11.76 9.82 -23.93
CA ARG A 47 13.01 10.40 -23.57
C ARG A 47 12.90 11.19 -22.25
N ALA A 48 11.78 11.88 -22.07
CA ALA A 48 11.65 12.64 -20.80
C ALA A 48 11.71 11.66 -19.62
N PHE A 49 10.95 10.57 -19.74
CA PHE A 49 10.87 9.56 -18.65
C PHE A 49 12.22 8.80 -18.47
N SER A 50 12.85 8.45 -19.59
CA SER A 50 14.09 7.71 -19.54
C SER A 50 15.18 8.57 -18.91
N PHE A 51 15.27 9.84 -19.30
CA PHE A 51 16.32 10.68 -18.75
C PHE A 51 16.16 10.91 -17.23
N ALA A 52 14.91 11.10 -16.79
CA ALA A 52 14.74 11.22 -15.31
C ALA A 52 15.09 9.92 -14.61
N ARG A 53 14.61 8.79 -15.14
CA ARG A 53 14.77 7.45 -14.50
C ARG A 53 16.24 7.07 -14.34
N GLU A 54 16.96 7.16 -15.46
CA GLU A 54 18.31 6.73 -15.59
C GLU A 54 19.25 7.82 -15.10
N ASP A 55 19.37 8.97 -15.82
CA ASP A 55 20.29 10.10 -15.40
C ASP A 55 19.93 10.77 -14.06
N GLY A 56 18.67 11.11 -13.91
CA GLY A 56 18.22 11.63 -12.61
C GLY A 56 18.37 10.67 -11.41
N GLY A 57 17.88 9.45 -11.54
CA GLY A 57 17.89 8.48 -10.40
C GLY A 57 19.31 8.16 -9.98
N ALA A 58 20.19 7.95 -10.96
CA ALA A 58 21.57 7.54 -10.63
C ALA A 58 22.23 8.67 -9.85
N ALA A 59 22.00 9.90 -10.31
CA ALA A 59 22.55 11.07 -9.66
C ALA A 59 22.03 11.28 -8.25
N LEU A 60 20.73 11.12 -8.06
CA LEU A 60 20.22 11.27 -6.65
C LEU A 60 20.66 10.16 -5.72
N ARG A 61 20.67 8.91 -6.20
CA ARG A 61 21.08 7.79 -5.31
C ARG A 61 22.53 7.90 -4.93
N ALA A 62 23.32 8.57 -5.78
CA ALA A 62 24.78 8.79 -5.47
C ALA A 62 24.98 9.59 -4.19
N LEU A 63 24.02 10.47 -3.90
CA LEU A 63 24.08 11.34 -2.75
C LEU A 63 23.57 10.60 -1.49
N THR A 64 24.05 10.98 -0.32
CA THR A 64 23.44 10.49 0.91
C THR A 64 22.11 11.18 1.28
N TYR A 65 21.34 10.63 2.23
CA TYR A 65 20.12 11.32 2.76
C TYR A 65 20.50 12.71 3.32
N ALA A 66 21.56 12.82 4.13
CA ALA A 66 21.93 14.15 4.61
C ALA A 66 22.35 15.17 3.48
N GLN A 67 23.07 14.69 2.45
CA GLN A 67 23.41 15.54 1.29
C GLN A 67 22.14 16.03 0.58
N ARG A 68 21.21 15.11 0.38
CA ARG A 68 19.94 15.47 -0.27
C ARG A 68 19.12 16.47 0.54
N ALA A 69 19.08 16.29 1.87
CA ALA A 69 18.41 17.17 2.78
C ALA A 69 19.06 18.57 2.77
N ALA A 70 20.39 18.64 2.57
CA ALA A 70 21.08 19.93 2.43
C ALA A 70 20.64 20.70 1.19
N ARG A 71 20.43 19.98 0.09
CA ARG A 71 19.88 20.59 -1.10
C ARG A 71 18.46 21.10 -0.85
N LEU A 72 17.65 20.31 -0.16
CA LEU A 72 16.27 20.79 0.22
C LEU A 72 16.32 22.11 1.02
N ALA A 73 17.26 22.23 1.97
CA ALA A 73 17.44 23.44 2.74
C ALA A 73 17.79 24.61 1.85
N ASP A 74 18.61 24.38 0.82
CA ASP A 74 18.97 25.44 -0.15
C ASP A 74 17.75 25.83 -1.00
N ILE A 75 16.90 24.85 -1.32
CA ILE A 75 15.63 25.22 -2.04
C ILE A 75 14.77 26.15 -1.16
N VAL A 76 14.69 25.79 0.12
CA VAL A 76 13.89 26.56 1.13
C VAL A 76 14.36 28.03 1.09
N LYS A 77 15.68 28.26 1.23
CA LYS A 77 16.17 29.62 1.18
C LYS A 77 15.86 30.34 -0.14
N LEU A 78 15.99 29.63 -1.25
CA LEU A 78 15.62 30.21 -2.57
C LEU A 78 14.15 30.67 -2.67
N LEU A 79 13.23 29.78 -2.28
CA LEU A 79 11.81 30.04 -2.44
C LEU A 79 11.46 31.19 -1.50
N GLN A 80 12.06 31.20 -0.30
CA GLN A 80 11.77 32.28 0.65
C GLN A 80 12.14 33.64 0.02
N ALA A 81 13.31 33.69 -0.64
CA ALA A 81 13.76 34.94 -1.27
C ALA A 81 12.86 35.35 -2.43
N LYS A 82 12.19 34.38 -3.04
CA LYS A 82 11.29 34.71 -4.16
C LYS A 82 9.80 34.86 -3.87
N ARG A 83 9.46 34.94 -2.60
CA ARG A 83 8.01 34.95 -2.20
C ARG A 83 7.25 36.13 -2.80
N GLY A 84 7.92 37.26 -3.03
CA GLY A 84 7.18 38.40 -3.65
C GLY A 84 6.63 38.05 -5.02
N ASP A 85 7.44 37.30 -5.80
CA ASP A 85 6.98 36.92 -7.14
C ASP A 85 5.83 35.95 -6.99
N TYR A 86 5.92 35.08 -5.98
CA TYR A 86 4.92 34.02 -5.84
C TYR A 86 3.57 34.53 -5.41
N TYR A 87 3.56 35.44 -4.50
CA TYR A 87 2.32 36.11 -4.17
C TYR A 87 1.61 36.86 -5.34
N ALA A 88 2.37 37.54 -6.17
CA ALA A 88 1.80 38.20 -7.35
C ALA A 88 1.18 37.19 -8.31
N ILE A 89 1.89 36.05 -8.54
CA ILE A 89 1.28 35.00 -9.43
C ILE A 89 -0.03 34.46 -8.80
N ALA A 90 0.04 34.23 -7.51
CA ALA A 90 -1.17 33.68 -6.84
C ALA A 90 -2.38 34.61 -6.90
N THR A 91 -2.15 35.91 -6.68
CA THR A 91 -3.25 36.90 -6.75
C THR A 91 -3.87 36.85 -8.13
N ALA A 92 -3.03 36.83 -9.13
CA ALA A 92 -3.59 36.92 -10.54
C ALA A 92 -4.17 35.62 -10.97
N ASN A 93 -3.44 34.51 -10.78
CA ASN A 93 -3.94 33.23 -11.41
C ASN A 93 -5.04 32.55 -10.56
N SER A 94 -4.94 32.70 -9.25
CA SER A 94 -5.85 32.00 -8.33
C SER A 94 -6.97 32.84 -7.66
N GLY A 95 -6.78 34.15 -7.57
CA GLY A 95 -7.84 35.03 -7.06
C GLY A 95 -8.04 34.97 -5.56
N THR A 96 -6.96 34.61 -4.89
CA THR A 96 -6.99 34.47 -3.41
C THR A 96 -6.44 35.66 -2.67
N THR A 97 -7.05 35.96 -1.53
CA THR A 97 -6.52 36.96 -0.59
C THR A 97 -5.09 36.61 -0.21
N ARG A 98 -4.33 37.60 0.27
CA ARG A 98 -2.96 37.36 0.75
C ARG A 98 -2.88 36.21 1.80
N ASN A 99 -3.79 36.22 2.77
CA ASN A 99 -3.80 35.18 3.79
C ASN A 99 -4.09 33.77 3.21
N ASP A 100 -5.00 33.66 2.22
CA ASP A 100 -5.28 32.37 1.67
C ASP A 100 -4.17 31.91 0.70
N SER A 101 -3.53 32.83 -0.04
CA SER A 101 -2.34 32.49 -0.81
C SER A 101 -1.23 31.87 0.05
N ALA A 102 -1.13 32.41 1.23
CA ALA A 102 -0.10 31.94 2.15
C ALA A 102 -0.26 30.45 2.53
N VAL A 103 -1.51 29.93 2.54
CA VAL A 103 -1.75 28.50 2.81
C VAL A 103 -1.03 27.57 1.76
N ASP A 104 -0.95 28.06 0.52
CA ASP A 104 -0.30 27.36 -0.58
C ASP A 104 1.23 27.63 -0.63
N ILE A 105 1.56 28.90 -0.61
CA ILE A 105 3.00 29.33 -0.79
C ILE A 105 3.80 28.99 0.46
N ASP A 106 3.40 29.60 1.59
CA ASP A 106 4.12 29.39 2.86
C ASP A 106 3.85 28.01 3.47
N GLY A 107 2.67 27.40 3.22
CA GLY A 107 2.50 25.99 3.53
C GLY A 107 3.47 25.08 2.82
N GLY A 108 3.62 25.27 1.48
CA GLY A 108 4.66 24.53 0.76
C GLY A 108 6.06 24.67 1.34
N ILE A 109 6.45 25.91 1.57
CA ILE A 109 7.85 26.16 2.00
C ILE A 109 8.06 25.50 3.40
N PHE A 110 7.08 25.68 4.30
CA PHE A 110 7.12 25.13 5.66
C PHE A 110 7.29 23.58 5.66
N THR A 111 6.49 22.92 4.82
CA THR A 111 6.60 21.50 4.66
C THR A 111 7.98 21.09 4.09
N LEU A 112 8.47 21.80 3.09
CA LEU A 112 9.74 21.44 2.45
C LEU A 112 10.82 21.59 3.51
N SER A 113 10.72 22.64 4.34
CA SER A 113 11.72 22.88 5.40
C SER A 113 11.68 21.81 6.54
N TYR A 114 10.46 21.40 6.93
CA TYR A 114 10.27 20.28 7.85
C TYR A 114 11.05 18.99 7.41
N TYR A 115 10.91 18.65 6.11
CA TYR A 115 11.57 17.46 5.51
C TYR A 115 13.07 17.68 5.40
N ALA A 116 13.50 18.90 5.08
CA ALA A 116 14.96 19.24 5.09
C ALA A 116 15.52 18.97 6.48
N LYS A 117 14.81 19.35 7.53
CA LYS A 117 15.41 19.13 8.87
C LYS A 117 15.43 17.68 9.34
N LEU A 118 14.33 17.00 9.08
CA LEU A 118 14.16 15.58 9.30
C LEU A 118 15.26 14.85 8.52
N GLY A 119 15.47 15.21 7.24
CA GLY A 119 16.46 14.44 6.46
C GLY A 119 17.90 14.64 6.97
N ALA A 120 18.20 15.80 7.55
CA ALA A 120 19.57 16.00 8.11
C ALA A 120 19.92 15.00 9.17
N SER A 121 18.93 14.58 9.95
CA SER A 121 19.08 13.56 11.03
C SER A 121 19.33 12.10 10.50
N LEU A 122 19.11 11.87 9.20
CA LEU A 122 19.20 10.54 8.64
C LEU A 122 20.65 10.19 8.28
N GLY A 123 21.52 11.20 8.18
CA GLY A 123 22.97 10.95 8.06
C GLY A 123 23.55 10.52 6.76
N GLU A 124 24.85 10.22 6.80
CA GLU A 124 25.62 9.94 5.60
C GLU A 124 25.58 8.49 5.12
N VAL A 125 24.37 8.05 4.78
CA VAL A 125 24.08 6.67 4.39
C VAL A 125 23.21 6.67 3.12
N HIS A 126 23.09 5.51 2.48
CA HIS A 126 22.33 5.41 1.23
C HIS A 126 21.12 4.48 1.36
N ALA A 127 20.93 3.89 2.54
CA ALA A 127 19.72 3.05 2.87
C ALA A 127 19.37 3.21 4.36
N LEU A 128 18.13 2.93 4.74
CA LEU A 128 17.63 3.13 6.11
C LEU A 128 17.34 1.78 6.71
N ARG A 129 17.51 1.67 8.02
CA ARG A 129 17.06 0.50 8.78
C ARG A 129 15.56 0.65 9.15
N ASP A 130 14.81 -0.43 8.98
CA ASP A 130 13.40 -0.55 9.42
C ASP A 130 13.39 -1.45 10.65
N GLY A 131 13.37 -0.81 11.82
CA GLY A 131 13.25 -1.53 13.09
C GLY A 131 14.65 -2.01 13.52
N SER A 132 14.65 -2.90 14.48
CA SER A 132 15.92 -3.42 14.96
C SER A 132 16.20 -4.82 14.43
N ALA A 133 17.41 -5.28 14.72
CA ALA A 133 17.83 -6.61 14.33
C ALA A 133 17.14 -7.58 15.27
N GLU A 134 16.91 -8.79 14.78
CA GLU A 134 16.17 -9.81 15.47
C GLU A 134 16.90 -11.15 15.27
N SER A 135 17.08 -11.93 16.35
CA SER A 135 17.75 -13.24 16.22
C SER A 135 16.89 -14.27 15.49
N LEU A 136 17.51 -15.08 14.64
CA LEU A 136 16.77 -16.16 13.97
C LEU A 136 17.33 -17.54 14.38
N SER A 137 18.13 -17.60 15.46
CA SER A 137 18.82 -18.84 15.86
C SER A 137 19.07 -18.84 17.35
N LYS A 138 19.07 -20.04 17.97
CA LYS A 138 19.29 -20.17 19.42
C LYS A 138 20.55 -19.49 19.92
N ASP A 139 21.65 -19.61 19.17
CA ASP A 139 22.97 -19.10 19.57
C ASP A 139 23.25 -17.70 19.02
N ARG A 140 22.24 -17.11 18.38
CA ARG A 140 22.31 -15.77 17.77
C ARG A 140 23.38 -15.52 16.70
N SER A 141 23.83 -16.56 16.00
CA SER A 141 24.88 -16.48 15.06
C SER A 141 24.29 -16.02 13.69
N PHE A 142 22.96 -16.22 13.57
CA PHE A 142 22.21 -15.85 12.35
C PHE A 142 21.03 -14.94 12.75
N SER A 143 20.89 -13.80 12.02
CA SER A 143 19.92 -12.73 12.38
C SER A 143 19.29 -12.06 11.16
N ALA A 144 18.29 -11.23 11.43
CA ALA A 144 17.63 -10.51 10.33
C ALA A 144 17.53 -9.02 10.68
N GLN A 145 17.64 -8.19 9.64
CA GLN A 145 17.47 -6.78 9.74
C GLN A 145 16.73 -6.35 8.45
N HIS A 146 15.59 -5.66 8.61
CA HIS A 146 14.89 -5.06 7.44
C HIS A 146 15.52 -3.72 7.04
N VAL A 147 15.53 -3.39 5.74
CA VAL A 147 16.13 -2.13 5.28
C VAL A 147 15.14 -1.52 4.30
N LEU A 148 15.30 -0.21 4.05
CA LEU A 148 14.55 0.52 3.02
C LEU A 148 15.52 1.08 1.95
N SER A 149 15.30 0.84 0.66
CA SER A 149 16.26 1.29 -0.33
C SER A 149 15.45 2.09 -1.36
N PRO A 150 16.00 3.22 -1.90
CA PRO A 150 15.23 4.03 -2.90
C PRO A 150 14.76 3.19 -4.08
N THR A 151 13.52 3.39 -4.54
CA THR A 151 13.05 2.61 -5.65
C THR A 151 13.79 3.15 -6.88
N ARG A 152 14.17 2.25 -7.81
CA ARG A 152 14.86 2.62 -9.05
C ARG A 152 13.84 2.97 -10.12
N GLY A 153 13.16 4.08 -9.89
CA GLY A 153 12.05 4.56 -10.72
C GLY A 153 11.99 6.09 -10.68
N VAL A 154 10.93 6.61 -11.27
CA VAL A 154 10.51 8.01 -11.16
C VAL A 154 9.20 8.16 -10.32
N ALA A 155 9.00 9.40 -9.82
CA ALA A 155 7.74 9.74 -9.09
C ALA A 155 6.95 10.70 -9.92
N LEU A 156 5.80 10.28 -10.44
CA LEU A 156 4.97 11.12 -11.28
C LEU A 156 3.83 11.69 -10.39
N PHE A 157 3.75 13.01 -10.30
CA PHE A 157 2.68 13.67 -9.46
C PHE A 157 1.70 14.36 -10.35
N ILE A 158 0.42 13.91 -10.30
CA ILE A 158 -0.64 14.57 -11.05
C ILE A 158 -1.41 15.37 -10.01
N ASN A 159 -1.23 16.67 -10.04
CA ASN A 159 -1.59 17.53 -8.88
C ASN A 159 -2.82 18.38 -9.11
N ALA A 160 -3.67 18.54 -8.09
CA ALA A 160 -4.97 19.27 -8.22
C ALA A 160 -4.78 20.82 -8.34
N PHE A 161 -5.79 21.48 -8.90
CA PHE A 161 -5.69 22.92 -9.13
C PHE A 161 -5.58 23.79 -7.87
N ASN A 162 -6.03 23.29 -6.70
CA ASN A 162 -6.24 24.17 -5.57
C ASN A 162 -4.92 24.51 -4.89
N PHE A 163 -3.90 23.66 -5.02
CA PHE A 163 -2.59 23.90 -4.35
C PHE A 163 -1.36 23.74 -5.30
N PRO A 164 -1.22 24.66 -6.27
CA PRO A 164 -0.06 24.48 -7.18
C PRO A 164 1.32 24.50 -6.51
N SER A 165 1.46 25.19 -5.38
CA SER A 165 2.76 25.12 -4.63
C SER A 165 2.86 23.93 -3.58
N TRP A 166 1.88 23.91 -2.67
CA TRP A 166 1.89 22.89 -1.57
C TRP A 166 1.74 21.47 -2.17
N GLY A 167 0.94 21.26 -3.23
CA GLY A 167 0.87 19.93 -3.80
C GLY A 167 2.23 19.46 -4.37
N LEU A 168 2.98 20.39 -4.97
CA LEU A 168 4.33 20.12 -5.49
C LEU A 168 5.21 19.74 -4.29
N TRP A 169 5.35 20.64 -3.34
CA TRP A 169 6.34 20.42 -2.26
C TRP A 169 6.04 19.37 -1.19
N GLU A 170 4.76 19.17 -0.88
CA GLU A 170 4.39 18.06 0.05
C GLU A 170 4.78 16.67 -0.45
N LYS A 171 4.65 16.47 -1.75
CA LYS A 171 5.04 15.24 -2.42
C LYS A 171 6.52 15.16 -2.78
N ALA A 172 7.01 16.19 -3.42
CA ALA A 172 8.45 16.29 -3.80
C ALA A 172 9.46 16.28 -2.64
N ALA A 173 9.07 16.79 -1.51
CA ALA A 173 10.04 16.83 -0.44
C ALA A 173 10.45 15.39 0.04
N PRO A 174 9.48 14.51 0.38
CA PRO A 174 9.89 13.14 0.72
C PRO A 174 10.41 12.36 -0.48
N ALA A 175 9.97 12.68 -1.68
CA ALA A 175 10.46 11.95 -2.89
C ALA A 175 11.96 12.22 -3.09
N LEU A 176 12.31 13.51 -3.16
CA LEU A 176 13.73 13.93 -3.34
C LEU A 176 14.64 13.55 -2.12
N LEU A 177 14.11 13.69 -0.91
CA LEU A 177 14.87 13.16 0.25
C LEU A 177 15.16 11.65 0.13
N SER A 178 14.21 10.91 -0.43
CA SER A 178 14.34 9.48 -0.66
C SER A 178 15.17 9.12 -1.92
N GLY A 179 15.52 10.07 -2.81
CA GLY A 179 16.53 9.83 -3.86
C GLY A 179 15.85 9.45 -5.14
N VAL A 180 14.60 9.84 -5.18
CA VAL A 180 13.68 9.49 -6.32
C VAL A 180 13.38 10.73 -7.17
N PRO A 181 13.69 10.64 -8.51
CA PRO A 181 13.44 11.85 -9.29
C PRO A 181 11.96 12.18 -9.44
N VAL A 182 11.69 13.50 -9.59
CA VAL A 182 10.27 13.96 -9.67
C VAL A 182 9.88 14.44 -11.06
N ILE A 183 8.69 14.06 -11.51
CA ILE A 183 8.08 14.65 -12.71
C ILE A 183 6.71 15.15 -12.20
N VAL A 184 6.49 16.46 -12.32
CA VAL A 184 5.22 17.08 -11.83
C VAL A 184 4.38 17.48 -13.02
N LYS A 185 3.07 17.19 -12.94
CA LYS A 185 2.05 17.53 -13.95
C LYS A 185 0.98 18.30 -13.13
N PRO A 186 1.10 19.62 -13.06
CA PRO A 186 0.07 20.39 -12.31
C PRO A 186 -1.16 20.60 -13.14
N ALA A 187 -2.31 20.74 -12.47
CA ALA A 187 -3.56 21.01 -13.20
C ALA A 187 -3.41 22.30 -14.07
N THR A 188 -3.92 22.27 -15.32
CA THR A 188 -3.66 23.39 -16.19
C THR A 188 -4.07 24.80 -15.71
N ALA A 189 -5.27 24.93 -15.15
CA ALA A 189 -5.83 26.25 -14.89
C ALA A 189 -4.99 27.14 -13.95
N THR A 190 -4.22 26.52 -13.04
CA THR A 190 -3.39 27.22 -12.06
C THR A 190 -1.93 26.77 -12.06
N ALA A 191 -1.46 26.26 -13.21
CA ALA A 191 -0.13 25.72 -13.32
C ALA A 191 1.03 26.68 -13.22
N TRP A 192 0.76 27.98 -13.42
CA TRP A 192 1.85 28.97 -13.51
C TRP A 192 2.75 28.95 -12.29
N LEU A 193 2.14 29.02 -11.13
CA LEU A 193 3.00 29.08 -9.91
C LEU A 193 3.94 27.81 -9.81
N THR A 194 3.42 26.63 -10.09
CA THR A 194 4.21 25.36 -10.09
C THR A 194 5.37 25.47 -11.09
N GLN A 195 5.07 25.96 -12.31
CA GLN A 195 6.08 26.07 -13.36
C GLN A 195 7.13 27.09 -12.94
N ARG A 196 6.69 28.17 -12.30
CA ARG A 196 7.66 29.21 -11.95
C ARG A 196 8.57 28.69 -10.81
N MET A 197 7.99 28.02 -9.83
CA MET A 197 8.81 27.43 -8.73
C MET A 197 9.84 26.43 -9.26
N VAL A 198 9.41 25.55 -10.17
CA VAL A 198 10.30 24.54 -10.81
C VAL A 198 11.42 25.29 -11.61
N ALA A 199 11.02 26.33 -12.40
CA ALA A 199 11.98 27.10 -13.19
C ALA A 199 13.03 27.77 -12.27
N ASP A 200 12.60 28.45 -11.19
CA ASP A 200 13.57 29.02 -10.21
C ASP A 200 14.56 27.99 -9.61
N VAL A 201 14.03 26.82 -9.27
CA VAL A 201 14.85 25.71 -8.68
C VAL A 201 15.87 25.20 -9.70
N VAL A 202 15.36 24.94 -10.92
CA VAL A 202 16.20 24.43 -12.03
C VAL A 202 17.32 25.42 -12.40
N ASP A 203 16.96 26.72 -12.45
CA ASP A 203 17.83 27.79 -12.88
C ASP A 203 18.96 27.94 -11.87
N ALA A 204 18.66 27.64 -10.61
CA ALA A 204 19.63 27.72 -9.56
C ALA A 204 20.67 26.54 -9.53
N GLY A 205 20.40 25.46 -10.24
CA GLY A 205 21.35 24.33 -10.33
C GLY A 205 21.56 23.63 -9.00
N ILE A 206 20.60 23.74 -8.09
CA ILE A 206 20.67 23.04 -6.81
C ILE A 206 20.65 21.50 -6.91
N LEU A 207 19.82 20.96 -7.82
CA LEU A 207 19.61 19.54 -7.98
C LEU A 207 20.26 19.07 -9.30
N PRO A 208 20.67 17.80 -9.33
CA PRO A 208 21.31 17.26 -10.56
C PRO A 208 20.34 17.26 -11.73
N PRO A 209 20.88 17.43 -12.93
CA PRO A 209 20.02 17.34 -14.07
C PRO A 209 19.25 16.01 -14.00
N GLY A 210 17.93 16.05 -14.21
CA GLY A 210 17.09 14.84 -14.27
C GLY A 210 16.31 14.67 -12.94
N ALA A 211 16.74 15.35 -11.88
CA ALA A 211 16.02 15.19 -10.59
C ALA A 211 14.65 15.82 -10.59
N LEU A 212 14.48 16.92 -11.33
CA LEU A 212 13.21 17.66 -11.31
C LEU A 212 12.75 18.03 -12.74
N SER A 213 11.59 17.57 -13.15
CA SER A 213 11.02 17.76 -14.51
C SER A 213 9.56 18.28 -14.32
N ILE A 214 9.06 19.05 -15.29
CA ILE A 214 7.65 19.50 -15.27
C ILE A 214 7.07 19.47 -16.66
N ILE A 215 5.84 19.06 -16.75
CA ILE A 215 5.12 19.07 -18.07
C ILE A 215 3.81 19.77 -17.74
N CYS A 216 3.39 20.74 -18.57
CA CYS A 216 2.11 21.48 -18.34
C CYS A 216 1.37 21.40 -19.68
N GLY A 217 0.07 21.16 -19.63
CA GLY A 217 -0.72 20.98 -20.85
C GLY A 217 -1.51 19.67 -20.81
N SER A 218 -1.68 19.02 -21.98
CA SER A 218 -2.34 17.73 -22.01
C SER A 218 -1.55 16.60 -21.32
N SER A 219 -2.27 15.66 -20.71
CA SER A 219 -1.67 14.54 -19.97
C SER A 219 -1.54 13.36 -20.90
N ALA A 220 -2.04 13.47 -22.14
CA ALA A 220 -2.05 12.26 -22.97
C ALA A 220 -0.65 11.63 -23.01
N GLY A 221 -0.56 10.30 -22.83
CA GLY A 221 0.73 9.59 -23.04
C GLY A 221 1.65 9.52 -21.83
N LEU A 222 1.30 10.23 -20.77
CA LEU A 222 2.19 10.16 -19.57
C LEU A 222 2.18 8.79 -18.86
N LEU A 223 0.99 8.25 -18.62
CA LEU A 223 0.88 6.96 -17.92
C LEU A 223 1.50 5.83 -18.76
N ASP A 224 1.41 5.95 -20.12
CA ASP A 224 2.05 4.97 -20.99
C ASP A 224 3.52 4.82 -20.79
N GLN A 225 4.16 5.84 -20.21
CA GLN A 225 5.56 5.76 -19.90
C GLN A 225 5.89 5.23 -18.48
N ILE A 226 4.88 5.01 -17.65
CA ILE A 226 5.16 4.57 -16.26
C ILE A 226 5.53 3.06 -16.29
N ARG A 227 6.53 2.67 -15.51
CA ARG A 227 7.03 1.27 -15.40
C ARG A 227 6.98 0.74 -13.94
N SER A 228 7.32 -0.54 -13.75
CA SER A 228 6.93 -1.25 -12.52
C SER A 228 7.58 -0.73 -11.23
N PHE A 229 8.73 -0.07 -11.39
CA PHE A 229 9.42 0.46 -10.19
C PHE A 229 9.15 1.99 -9.93
N ASP A 230 8.25 2.57 -10.73
CA ASP A 230 7.87 3.97 -10.66
C ASP A 230 6.74 4.05 -9.59
N VAL A 231 6.47 5.26 -9.10
CA VAL A 231 5.35 5.57 -8.22
C VAL A 231 4.55 6.77 -8.74
N VAL A 232 3.24 6.78 -8.50
CA VAL A 232 2.38 7.80 -9.03
C VAL A 232 1.54 8.29 -7.85
N SER A 233 1.44 9.61 -7.68
CA SER A 233 0.52 10.18 -6.65
C SER A 233 -0.44 11.13 -7.33
N PHE A 234 -1.74 10.73 -7.40
CA PHE A 234 -2.78 11.45 -8.06
C PHE A 234 -3.65 12.13 -7.06
N THR A 235 -4.02 13.39 -7.34
CA THR A 235 -4.93 14.20 -6.48
C THR A 235 -5.98 14.82 -7.42
N GLY A 236 -7.26 14.49 -7.23
CA GLY A 236 -8.33 14.93 -8.19
C GLY A 236 -9.69 14.29 -7.90
N SER A 237 -10.56 14.25 -8.91
CA SER A 237 -11.93 13.72 -8.71
C SER A 237 -11.97 12.19 -8.72
N ALA A 238 -12.98 11.66 -8.00
CA ALA A 238 -13.18 10.22 -7.90
C ALA A 238 -13.35 9.64 -9.32
N ASP A 239 -14.00 10.36 -10.21
CA ASP A 239 -14.26 9.76 -11.51
C ASP A 239 -12.99 9.68 -12.39
N THR A 240 -12.15 10.72 -12.32
CA THR A 240 -10.84 10.66 -12.95
C THR A 240 -9.88 9.62 -12.24
N ALA A 241 -9.87 9.55 -10.91
CA ALA A 241 -9.13 8.49 -10.23
C ALA A 241 -9.45 7.10 -10.77
N ALA A 242 -10.74 6.80 -11.02
CA ALA A 242 -11.18 5.46 -11.45
C ALA A 242 -10.76 5.13 -12.89
N THR A 243 -10.82 6.14 -13.75
CA THR A 243 -10.20 6.04 -15.09
C THR A 243 -8.71 5.77 -15.01
N LEU A 244 -8.01 6.48 -14.13
CA LEU A 244 -6.57 6.28 -13.97
C LEU A 244 -6.22 4.88 -13.41
N ARG A 245 -6.90 4.45 -12.35
CA ARG A 245 -6.60 3.14 -11.78
C ARG A 245 -6.63 2.02 -12.87
N ALA A 246 -7.48 2.14 -13.91
CA ALA A 246 -7.58 1.05 -14.90
C ALA A 246 -6.44 0.99 -15.92
N HIS A 247 -5.52 1.95 -15.83
CA HIS A 247 -4.45 1.98 -16.82
C HIS A 247 -3.49 0.80 -16.64
N PRO A 248 -2.93 0.27 -17.74
CA PRO A 248 -1.92 -0.79 -17.73
C PRO A 248 -0.74 -0.56 -16.76
N ALA A 249 -0.37 0.71 -16.57
CA ALA A 249 0.73 1.04 -15.64
C ALA A 249 0.51 0.39 -14.31
N PHE A 250 -0.77 0.28 -13.91
CA PHE A 250 -1.05 -0.27 -12.55
C PHE A 250 -1.58 -1.71 -12.60
N VAL A 251 -2.56 -1.95 -13.49
CA VAL A 251 -3.21 -3.24 -13.62
C VAL A 251 -2.24 -4.29 -14.18
N GLN A 252 -1.41 -3.93 -15.17
CA GLN A 252 -0.39 -4.88 -15.66
C GLN A 252 1.00 -4.74 -15.04
N ARG A 253 1.48 -3.50 -14.94
CA ARG A 253 2.87 -3.29 -14.50
C ARG A 253 3.07 -3.17 -13.03
N GLY A 254 1.97 -2.95 -12.30
CA GLY A 254 2.04 -3.00 -10.84
C GLY A 254 2.68 -1.75 -10.23
N ALA A 255 2.75 -0.64 -10.96
CA ALA A 255 3.34 0.58 -10.33
C ALA A 255 2.53 1.00 -9.11
N ARG A 256 3.22 1.42 -8.05
CA ARG A 256 2.55 1.93 -6.84
C ARG A 256 1.76 3.18 -7.16
N LEU A 257 0.60 3.31 -6.51
CA LEU A 257 -0.27 4.41 -6.71
C LEU A 257 -0.87 4.87 -5.42
N ASN A 258 -0.91 6.18 -5.28
CA ASN A 258 -1.68 6.83 -4.21
C ASN A 258 -2.71 7.72 -4.85
N VAL A 259 -3.96 7.63 -4.32
CA VAL A 259 -5.08 8.39 -4.75
C VAL A 259 -5.62 9.25 -3.56
N GLU A 260 -5.81 10.52 -3.86
CA GLU A 260 -6.58 11.52 -3.05
C GLU A 260 -7.75 11.99 -3.87
N ALA A 261 -8.97 11.82 -3.36
CA ALA A 261 -10.17 12.18 -4.22
C ALA A 261 -11.22 12.92 -3.35
N ASP A 262 -12.49 12.95 -3.82
CA ASP A 262 -13.61 13.60 -3.11
C ASP A 262 -13.68 13.21 -1.62
N SER A 263 -13.97 14.17 -0.72
CA SER A 263 -14.03 13.83 0.72
C SER A 263 -15.03 14.75 1.42
N LEU A 264 -16.15 14.16 1.92
CA LEU A 264 -17.17 14.92 2.61
C LEU A 264 -16.89 15.04 4.08
N ASN A 265 -15.85 15.78 4.47
CA ASN A 265 -15.36 15.91 5.79
C ASN A 265 -16.44 16.45 6.74
N SER A 266 -16.41 15.92 7.96
CA SER A 266 -17.42 16.26 9.02
C SER A 266 -16.84 17.14 10.15
N ALA A 267 -17.70 17.91 10.83
CA ALA A 267 -17.37 18.53 12.12
C ALA A 267 -18.51 18.14 13.04
N ILE A 268 -18.20 17.68 14.26
CA ILE A 268 -19.29 17.22 15.14
C ILE A 268 -19.25 18.04 16.41
N LEU A 269 -20.42 18.66 16.74
CA LEU A 269 -20.46 19.44 17.98
C LEU A 269 -20.92 18.47 19.09
N CYS A 270 -20.14 18.30 20.18
CA CYS A 270 -20.51 17.31 21.24
C CYS A 270 -21.76 17.82 22.03
N ALA A 271 -22.42 16.88 22.67
CA ALA A 271 -23.66 17.14 23.46
C ALA A 271 -23.40 18.11 24.59
N ASP A 272 -22.22 18.08 25.19
CA ASP A 272 -21.87 19.01 26.28
C ASP A 272 -21.59 20.46 25.81
N ALA A 273 -21.35 20.65 24.50
CA ALA A 273 -20.94 21.96 24.03
C ALA A 273 -22.16 22.84 23.71
N THR A 274 -22.90 23.21 24.75
CA THR A 274 -24.10 24.04 24.55
C THR A 274 -23.74 25.53 24.37
N PRO A 275 -24.70 26.34 23.87
CA PRO A 275 -24.38 27.75 23.58
C PRO A 275 -23.78 28.59 24.72
N ASP A 276 -24.05 28.23 25.97
CA ASP A 276 -23.48 28.99 27.05
C ASP A 276 -22.06 28.49 27.45
N THR A 277 -21.47 27.59 26.65
CA THR A 277 -20.10 27.11 26.95
C THR A 277 -19.08 27.55 25.88
N PRO A 278 -17.79 27.71 26.25
CA PRO A 278 -16.79 28.18 25.32
C PRO A 278 -16.55 27.26 24.07
N ALA A 279 -16.81 25.94 24.16
CA ALA A 279 -16.64 25.03 23.00
C ALA A 279 -17.53 25.45 21.87
N PHE A 280 -18.67 26.04 22.23
CA PHE A 280 -19.72 26.34 21.26
C PHE A 280 -19.14 27.34 20.22
N ASP A 281 -18.57 28.46 20.69
CA ASP A 281 -18.07 29.46 19.72
C ASP A 281 -16.91 28.89 18.92
N LEU A 282 -16.08 28.00 19.52
CA LEU A 282 -14.92 27.41 18.76
C LEU A 282 -15.43 26.68 17.53
N PHE A 283 -16.56 26.01 17.71
CA PHE A 283 -17.15 25.22 16.60
C PHE A 283 -17.72 26.12 15.48
N ILE A 284 -18.51 27.12 15.90
CA ILE A 284 -18.98 28.13 14.93
C ILE A 284 -17.86 28.77 14.08
N LYS A 285 -16.82 29.26 14.72
CA LYS A 285 -15.66 29.82 14.06
C LYS A 285 -15.02 28.85 13.07
N GLU A 286 -14.85 27.56 13.46
CA GLU A 286 -14.11 26.62 12.61
C GLU A 286 -14.87 26.31 11.33
N VAL A 287 -16.19 26.18 11.46
CA VAL A 287 -17.01 25.89 10.28
C VAL A 287 -16.91 27.08 9.29
N VAL A 288 -16.98 28.29 9.84
CA VAL A 288 -16.95 29.51 9.01
C VAL A 288 -15.59 29.56 8.25
N ARG A 289 -14.49 29.31 8.94
CA ARG A 289 -13.18 29.39 8.39
C ARG A 289 -13.03 28.36 7.27
N GLU A 290 -13.55 27.17 7.49
CA GLU A 290 -13.34 26.06 6.49
C GLU A 290 -14.17 26.32 5.25
N MET A 291 -15.34 26.95 5.42
CA MET A 291 -16.22 27.25 4.19
C MET A 291 -15.57 28.35 3.40
N THR A 292 -14.73 29.21 4.03
CA THR A 292 -14.35 30.47 3.41
C THR A 292 -12.92 30.57 2.97
N VAL A 293 -11.97 29.96 3.72
CA VAL A 293 -10.58 29.92 3.21
C VAL A 293 -10.50 29.33 1.75
N LYS A 294 -9.89 30.09 0.81
CA LYS A 294 -9.79 29.73 -0.61
C LYS A 294 -11.15 29.46 -1.21
N SER A 295 -12.15 30.18 -0.70
CA SER A 295 -13.54 29.96 -1.13
C SER A 295 -13.97 28.49 -1.00
N GLY A 296 -13.56 27.82 0.07
CA GLY A 296 -13.94 26.40 0.27
C GLY A 296 -13.18 25.37 -0.58
N GLN A 297 -12.19 25.81 -1.33
CA GLN A 297 -11.43 24.89 -2.17
C GLN A 297 -10.22 24.15 -1.52
N LYS A 298 -10.38 23.68 -0.30
CA LYS A 298 -9.45 22.73 0.26
C LYS A 298 -10.17 21.34 0.24
N CYS A 299 -9.43 20.28 -0.11
CA CYS A 299 -9.91 18.91 -0.05
C CYS A 299 -10.42 18.59 1.34
N THR A 300 -9.76 19.18 2.35
CA THR A 300 -10.05 18.88 3.73
C THR A 300 -11.16 19.75 4.38
N ALA A 301 -11.74 20.70 3.64
CA ALA A 301 -12.80 21.60 4.23
C ALA A 301 -13.98 20.82 4.77
N ILE A 302 -14.60 21.37 5.81
CA ILE A 302 -15.82 20.81 6.40
C ILE A 302 -16.96 20.96 5.35
N ARG A 303 -17.55 19.85 4.95
CA ARG A 303 -18.75 19.87 4.11
C ARG A 303 -20.06 19.52 4.88
N ARG A 304 -19.94 18.79 6.02
CA ARG A 304 -21.12 18.34 6.83
C ARG A 304 -20.88 18.67 8.28
N ALA A 305 -21.86 19.29 8.93
CA ALA A 305 -21.70 19.69 10.30
C ALA A 305 -22.86 19.11 11.08
N PHE A 306 -22.54 18.33 12.12
CA PHE A 306 -23.58 17.57 12.79
C PHE A 306 -23.66 18.09 14.21
N VAL A 307 -24.89 18.43 14.66
CA VAL A 307 -25.05 19.13 15.99
C VAL A 307 -26.25 18.59 16.72
N PRO A 308 -26.25 18.63 18.04
CA PRO A 308 -27.48 18.08 18.65
C PRO A 308 -28.81 18.75 18.24
N GLU A 309 -29.93 18.03 18.26
CA GLU A 309 -31.22 18.59 17.91
C GLU A 309 -31.46 19.89 18.68
N ALA A 310 -31.10 19.92 19.97
CA ALA A 310 -31.36 21.09 20.82
C ALA A 310 -30.56 22.33 20.39
N ALA A 311 -29.40 22.09 19.73
CA ALA A 311 -28.46 23.14 19.37
C ALA A 311 -28.67 23.64 17.94
N LEU A 312 -29.55 23.00 17.20
CA LEU A 312 -29.71 23.31 15.78
C LEU A 312 -30.04 24.80 15.48
N GLU A 313 -31.09 25.35 16.15
CA GLU A 313 -31.39 26.78 15.94
C GLU A 313 -30.32 27.79 16.35
N PRO A 314 -29.77 27.71 17.57
CA PRO A 314 -28.65 28.56 17.92
C PRO A 314 -27.43 28.43 16.98
N VAL A 315 -27.16 27.20 16.52
CA VAL A 315 -26.09 26.98 15.54
C VAL A 315 -26.38 27.73 14.22
N LEU A 316 -27.56 27.55 13.64
CA LEU A 316 -27.93 28.29 12.39
C LEU A 316 -27.83 29.81 12.59
N GLU A 317 -28.38 30.29 13.71
CA GLU A 317 -28.32 31.71 13.91
C GLU A 317 -26.87 32.22 14.11
N ALA A 318 -26.02 31.42 14.75
CA ALA A 318 -24.69 31.95 15.05
C ALA A 318 -23.83 31.89 13.77
N LEU A 319 -24.11 30.90 12.90
CA LEU A 319 -23.37 30.78 11.63
C LEU A 319 -23.77 31.89 10.70
N LYS A 320 -25.06 32.22 10.69
CA LYS A 320 -25.53 33.32 9.82
C LYS A 320 -24.82 34.60 10.18
N ALA A 321 -24.73 34.84 11.48
CA ALA A 321 -24.16 36.07 12.00
C ALA A 321 -22.70 36.17 11.61
N LYS A 322 -21.95 35.06 11.72
CA LYS A 322 -20.51 35.10 11.38
C LYS A 322 -20.28 35.22 9.84
N LEU A 323 -21.09 34.49 9.07
CA LEU A 323 -20.95 34.50 7.60
C LEU A 323 -21.25 35.83 6.91
N ALA A 324 -22.16 36.58 7.52
CA ALA A 324 -22.52 37.88 7.05
C ALA A 324 -21.31 38.85 7.11
N LYS A 325 -20.33 38.60 7.98
CA LYS A 325 -19.16 39.46 8.04
C LYS A 325 -18.15 39.17 6.92
N ILE A 326 -18.42 38.13 6.12
CA ILE A 326 -17.45 37.68 5.12
C ILE A 326 -17.69 38.45 3.84
N THR A 327 -16.86 39.44 3.57
CA THR A 327 -16.92 40.25 2.33
C THR A 327 -16.21 39.51 1.19
N VAL A 328 -16.76 39.67 -0.02
CA VAL A 328 -16.31 38.92 -1.21
C VAL A 328 -15.98 39.81 -2.36
N GLY A 329 -14.90 39.53 -3.08
CA GLY A 329 -14.60 40.30 -4.34
C GLY A 329 -13.12 40.15 -4.65
N ASN A 330 -12.52 41.26 -5.11
CA ASN A 330 -11.18 41.30 -5.67
C ASN A 330 -10.21 41.22 -4.49
N PRO A 331 -9.28 40.22 -4.45
CA PRO A 331 -8.33 40.13 -3.34
C PRO A 331 -7.33 41.29 -3.25
N ARG A 332 -7.24 42.10 -4.29
CA ARG A 332 -6.44 43.29 -4.28
C ARG A 332 -6.93 44.33 -3.29
N ASN A 333 -8.21 44.25 -2.92
CA ASN A 333 -8.81 45.20 -1.99
C ASN A 333 -8.66 44.67 -0.55
N ASP A 334 -7.94 45.39 0.31
CA ASP A 334 -7.71 44.90 1.66
C ASP A 334 -9.01 44.70 2.51
N ALA A 335 -10.14 45.21 2.04
CA ALA A 335 -11.43 45.02 2.71
C ALA A 335 -12.03 43.62 2.46
N VAL A 336 -11.60 42.95 1.36
CA VAL A 336 -12.13 41.62 0.94
C VAL A 336 -11.59 40.51 1.88
N ARG A 337 -12.51 39.75 2.50
CA ARG A 337 -12.12 38.55 3.28
C ARG A 337 -12.10 37.27 2.45
N MET A 338 -12.79 37.25 1.29
CA MET A 338 -12.82 36.05 0.52
C MET A 338 -12.81 36.37 -0.99
N GLY A 339 -11.91 35.76 -1.78
CA GLY A 339 -11.68 36.06 -3.19
C GLY A 339 -12.62 35.23 -4.10
N SER A 340 -12.08 34.75 -5.22
CA SER A 340 -12.82 33.96 -6.23
C SER A 340 -12.45 32.48 -6.14
N LEU A 341 -13.21 31.65 -6.85
CA LEU A 341 -12.80 30.27 -7.20
C LEU A 341 -11.75 30.36 -8.27
N VAL A 342 -11.18 29.22 -8.65
CA VAL A 342 -9.92 29.24 -9.52
C VAL A 342 -10.22 29.67 -10.95
N SER A 343 -11.48 29.56 -11.32
CA SER A 343 -11.93 29.78 -12.70
C SER A 343 -13.41 29.89 -12.86
N ARG A 344 -13.79 30.38 -14.06
CA ARG A 344 -15.16 30.59 -14.42
C ARG A 344 -15.84 29.22 -14.67
N GLU A 345 -15.08 28.23 -15.16
CA GLU A 345 -15.58 26.87 -15.25
C GLU A 345 -15.91 26.28 -13.88
N GLN A 346 -15.07 26.53 -12.89
CA GLN A 346 -15.40 26.02 -11.58
C GLN A 346 -16.60 26.74 -10.98
N TYR A 347 -16.67 28.04 -11.24
CA TYR A 347 -17.86 28.82 -10.90
C TYR A 347 -19.16 28.14 -11.38
N GLU A 348 -19.19 27.75 -12.64
CA GLU A 348 -20.39 27.07 -13.19
C GLU A 348 -20.62 25.69 -12.53
N ASN A 349 -19.53 24.98 -12.20
CA ASN A 349 -19.63 23.66 -11.61
C ASN A 349 -20.16 23.85 -10.21
N VAL A 350 -19.63 24.84 -9.50
CA VAL A 350 -20.14 25.06 -8.15
C VAL A 350 -21.60 25.46 -8.08
N LEU A 351 -22.01 26.32 -9.02
CA LEU A 351 -23.39 26.78 -9.10
C LEU A 351 -24.36 25.61 -9.41
N ALA A 352 -23.91 24.67 -10.26
CA ALA A 352 -24.74 23.49 -10.62
C ALA A 352 -24.81 22.58 -9.41
N GLY A 353 -23.72 22.53 -8.62
CA GLY A 353 -23.75 21.75 -7.38
C GLY A 353 -24.67 22.31 -6.33
N ILE A 354 -24.65 23.63 -6.18
CA ILE A 354 -25.58 24.31 -5.31
C ILE A 354 -27.08 23.96 -5.69
N ALA A 355 -27.41 24.10 -6.98
CA ALA A 355 -28.80 23.82 -7.46
C ALA A 355 -29.15 22.35 -7.19
N ALA A 356 -28.18 21.46 -7.33
CA ALA A 356 -28.39 20.05 -7.04
C ALA A 356 -28.66 19.79 -5.56
N LEU A 357 -27.83 20.30 -4.65
CA LEU A 357 -28.16 20.15 -3.25
C LEU A 357 -29.52 20.71 -2.81
N ARG A 358 -29.95 21.81 -3.44
CA ARG A 358 -31.14 22.55 -2.97
C ARG A 358 -32.43 21.75 -3.24
N GLU A 359 -32.33 20.84 -4.17
CA GLU A 359 -33.43 19.89 -4.40
C GLU A 359 -33.75 19.02 -3.19
N GLU A 360 -32.81 18.87 -2.25
CA GLU A 360 -33.03 18.09 -1.03
C GLU A 360 -32.74 18.74 0.29
N ALA A 361 -32.44 20.04 0.29
CA ALA A 361 -32.09 20.72 1.50
C ALA A 361 -32.63 22.14 1.42
N VAL A 362 -32.86 22.71 2.57
CA VAL A 362 -33.27 24.10 2.66
C VAL A 362 -32.01 24.96 2.67
N LEU A 363 -31.98 25.98 1.81
CA LEU A 363 -30.96 27.05 1.85
C LEU A 363 -31.23 28.04 2.96
N ALA A 364 -30.42 27.99 4.04
CA ALA A 364 -30.52 28.81 5.22
C ALA A 364 -29.79 30.11 5.13
N TYR A 365 -28.70 30.16 4.37
CA TYR A 365 -27.94 31.44 4.23
C TYR A 365 -27.34 31.46 2.82
N ASP A 366 -27.32 32.63 2.18
CA ASP A 366 -26.80 32.81 0.82
C ASP A 366 -26.57 34.34 0.67
N SER A 367 -25.32 34.80 0.49
CA SER A 367 -25.13 36.26 0.30
C SER A 367 -24.87 36.65 -1.15
N SER A 368 -25.43 35.84 -2.09
CA SER A 368 -25.24 36.07 -3.55
C SER A 368 -25.60 37.47 -3.98
N ALA A 369 -26.67 38.05 -3.41
CA ALA A 369 -27.10 39.37 -3.86
C ALA A 369 -26.22 40.52 -3.36
N VAL A 370 -25.38 40.30 -2.33
CA VAL A 370 -24.52 41.36 -1.81
C VAL A 370 -23.52 41.79 -2.97
N PRO A 371 -23.43 43.09 -3.25
CA PRO A 371 -22.55 43.52 -4.37
C PRO A 371 -21.07 43.14 -4.07
N LEU A 372 -20.40 42.62 -5.09
CA LEU A 372 -18.99 42.31 -5.00
C LEU A 372 -18.18 43.56 -4.87
N ILE A 373 -17.04 43.44 -4.21
CA ILE A 373 -16.06 44.56 -4.11
C ILE A 373 -15.03 44.50 -5.28
N ASP A 374 -14.95 45.58 -6.08
CA ASP A 374 -14.02 45.71 -7.24
C ASP A 374 -13.98 44.50 -8.16
N ALA A 375 -15.15 43.93 -8.50
CA ALA A 375 -15.17 42.83 -9.46
C ALA A 375 -16.57 42.87 -10.12
N ASP A 376 -16.60 42.42 -11.37
CA ASP A 376 -17.84 42.32 -12.18
C ASP A 376 -18.37 40.89 -12.15
N ALA A 377 -19.54 40.70 -11.54
CA ALA A 377 -20.16 39.37 -11.46
C ALA A 377 -20.28 38.63 -12.78
N ASN A 378 -20.37 39.34 -13.92
CA ASN A 378 -20.43 38.68 -15.21
C ASN A 378 -19.11 38.18 -15.80
N ILE A 379 -17.99 38.49 -15.12
CA ILE A 379 -16.64 38.19 -15.54
C ILE A 379 -16.00 37.25 -14.47
N ALA A 380 -16.14 37.64 -13.21
CA ALA A 380 -15.36 37.03 -12.12
C ALA A 380 -15.97 35.67 -11.71
N ALA A 381 -15.20 34.93 -10.92
CA ALA A 381 -15.59 33.58 -10.48
C ALA A 381 -15.82 33.54 -8.94
N CYS A 382 -16.45 34.61 -8.44
CA CYS A 382 -16.76 34.77 -7.04
C CYS A 382 -18.11 34.08 -6.79
N VAL A 383 -18.13 33.23 -5.80
CA VAL A 383 -19.39 32.61 -5.29
C VAL A 383 -19.43 33.01 -3.83
N ALA A 384 -20.60 33.48 -3.38
CA ALA A 384 -20.86 33.81 -1.99
C ALA A 384 -21.06 32.52 -1.10
N PRO A 385 -20.87 32.62 0.23
CA PRO A 385 -21.12 31.45 1.07
C PRO A 385 -22.58 31.06 0.94
N HIS A 386 -22.79 29.76 0.85
CA HIS A 386 -24.13 29.13 0.94
C HIS A 386 -24.17 28.12 2.07
N LEU A 387 -25.19 28.16 2.93
CA LEU A 387 -25.29 27.20 4.05
C LEU A 387 -26.66 26.57 3.94
N PHE A 388 -26.63 25.26 3.98
CA PHE A 388 -27.78 24.41 3.77
C PHE A 388 -28.13 23.78 5.09
N VAL A 389 -29.41 23.40 5.23
CA VAL A 389 -29.88 22.64 6.40
C VAL A 389 -30.61 21.41 5.91
N VAL A 390 -30.27 20.24 6.45
CA VAL A 390 -30.91 18.97 6.16
C VAL A 390 -31.50 18.40 7.46
N ASN A 391 -32.83 18.47 7.58
CA ASN A 391 -33.48 18.15 8.87
C ASN A 391 -33.50 16.67 9.24
N ASP A 392 -33.38 15.82 8.22
CA ASP A 392 -33.50 14.36 8.35
C ASP A 392 -32.30 13.73 7.71
N PRO A 393 -31.13 13.82 8.37
CA PRO A 393 -29.99 13.24 7.70
C PRO A 393 -29.97 11.70 7.54
N ASP A 394 -30.73 10.93 8.33
CA ASP A 394 -30.77 9.46 8.15
C ASP A 394 -31.36 9.14 6.79
N ASN A 395 -32.37 9.88 6.37
CA ASN A 395 -33.00 9.62 5.07
C ASN A 395 -32.55 10.48 3.89
N ALA A 396 -31.52 11.32 4.11
CA ALA A 396 -31.00 12.17 3.04
C ALA A 396 -30.13 11.32 2.13
N THR A 397 -30.18 11.60 0.83
CA THR A 397 -29.22 11.08 -0.14
C THR A 397 -27.99 11.99 -0.23
N LEU A 398 -28.26 13.16 -0.85
CA LEU A 398 -27.23 14.02 -1.45
C LEU A 398 -26.22 14.48 -0.38
N LEU A 399 -26.71 14.74 0.81
CA LEU A 399 -25.89 15.21 1.94
C LEU A 399 -24.54 14.51 1.99
N HIS A 400 -24.62 13.17 1.94
CA HIS A 400 -23.53 12.26 2.30
C HIS A 400 -22.78 11.84 1.06
N ASP A 401 -23.28 12.24 -0.11
CA ASP A 401 -22.72 11.73 -1.39
C ASP A 401 -22.20 12.81 -2.34
N VAL A 402 -22.84 14.00 -2.36
CA VAL A 402 -22.48 15.05 -3.32
C VAL A 402 -21.60 16.20 -2.76
N GLU A 403 -20.37 16.31 -3.28
CA GLU A 403 -19.29 17.26 -2.78
C GLU A 403 -19.46 18.51 -3.66
N VAL A 404 -19.64 19.68 -3.03
CA VAL A 404 -19.66 20.93 -3.78
C VAL A 404 -18.36 21.62 -3.43
N PHE A 405 -17.47 21.76 -4.41
CA PHE A 405 -16.10 22.28 -4.19
C PHE A 405 -16.06 23.84 -4.18
N GLY A 406 -16.69 24.43 -3.16
CA GLY A 406 -16.89 25.84 -3.05
C GLY A 406 -17.26 26.20 -1.60
N PRO A 407 -17.66 27.45 -1.39
CA PRO A 407 -17.89 27.97 -0.02
C PRO A 407 -19.30 27.50 0.41
N VAL A 408 -19.49 26.17 0.46
CA VAL A 408 -20.83 25.59 0.64
C VAL A 408 -20.68 24.50 1.73
N ALA A 409 -21.61 24.43 2.67
CA ALA A 409 -21.67 23.35 3.65
C ALA A 409 -23.15 23.08 4.06
N SER A 410 -23.38 21.90 4.63
CA SER A 410 -24.69 21.49 5.19
C SER A 410 -24.68 21.16 6.67
N VAL A 411 -25.68 21.67 7.39
CA VAL A 411 -25.81 21.45 8.80
C VAL A 411 -26.96 20.47 9.01
N ALA A 412 -26.79 19.53 9.95
CA ALA A 412 -27.83 18.51 10.19
C ALA A 412 -27.88 18.13 11.64
N PRO A 413 -29.10 17.92 12.17
CA PRO A 413 -29.14 17.60 13.60
C PRO A 413 -28.94 16.12 13.83
N TYR A 414 -28.36 15.73 14.99
CA TYR A 414 -28.34 14.33 15.35
C TYR A 414 -29.06 14.09 16.71
N ARG A 415 -29.42 12.83 17.01
CA ARG A 415 -30.10 12.50 18.33
C ARG A 415 -29.13 12.18 19.41
N VAL A 416 -29.11 12.96 20.50
CA VAL A 416 -28.17 12.71 21.60
C VAL A 416 -28.65 11.40 22.25
N THR A 417 -27.69 10.52 22.57
CA THR A 417 -27.92 9.27 23.31
C THR A 417 -27.75 9.56 24.77
N THR A 418 -28.76 9.24 25.55
CA THR A 418 -28.71 9.50 26.98
C THR A 418 -28.14 8.34 27.86
N ASP A 419 -27.89 7.16 27.28
CA ASP A 419 -27.56 6.00 28.14
C ASP A 419 -26.11 5.43 28.13
N THR A 420 -25.61 5.07 29.33
CA THR A 420 -24.35 4.31 29.58
C THR A 420 -23.55 3.86 28.34
N LEU A 423 -21.58 6.66 23.58
CA LEU A 423 -21.16 8.05 23.81
C LEU A 423 -22.36 8.91 23.47
N PRO A 424 -22.49 10.09 24.08
CA PRO A 424 -23.64 10.94 23.69
C PRO A 424 -23.68 11.20 22.19
N GLU A 425 -22.52 11.14 21.51
CA GLU A 425 -22.37 11.46 20.04
C GLU A 425 -22.46 10.28 19.06
N ALA A 426 -22.88 9.14 19.59
CA ALA A 426 -22.98 7.86 18.89
C ALA A 426 -23.65 8.02 17.53
N HIS A 427 -24.76 8.75 17.48
CA HIS A 427 -25.48 9.00 16.20
C HIS A 427 -24.66 9.87 15.22
N ALA A 428 -23.97 10.88 15.74
CA ALA A 428 -23.13 11.77 14.89
C ALA A 428 -21.99 10.96 14.26
N VAL A 429 -21.46 10.00 15.03
CA VAL A 429 -20.39 9.12 14.53
C VAL A 429 -20.91 8.33 13.33
N ALA A 430 -22.11 7.76 13.46
CA ALA A 430 -22.74 6.97 12.40
C ALA A 430 -22.92 7.83 11.19
N LEU A 431 -23.35 9.09 11.43
CA LEU A 431 -23.62 10.01 10.28
C LEU A 431 -22.30 10.34 9.62
N ALA A 432 -21.25 10.60 10.39
CA ALA A 432 -19.95 10.82 9.71
C ALA A 432 -19.52 9.66 8.77
N ARG A 433 -19.69 8.43 9.27
CA ARG A 433 -19.31 7.25 8.53
C ARG A 433 -20.13 7.09 7.23
N ARG A 434 -21.28 7.74 7.11
CA ARG A 434 -22.08 7.64 5.89
C ARG A 434 -21.44 8.39 4.74
N GLY A 435 -20.39 9.17 5.01
CA GLY A 435 -19.65 9.79 3.94
C GLY A 435 -18.72 8.83 3.23
N GLN A 436 -18.71 7.56 3.69
CA GLN A 436 -17.94 6.42 3.06
C GLN A 436 -16.44 6.58 3.08
N GLY A 437 -15.92 7.30 4.06
CA GLY A 437 -14.46 7.40 4.27
C GLY A 437 -13.99 8.78 3.87
N SER A 438 -13.29 9.46 4.77
CA SER A 438 -12.91 10.86 4.56
C SER A 438 -11.49 11.21 5.01
N LEU A 439 -10.97 12.32 4.52
CA LEU A 439 -9.58 12.80 4.94
C LEU A 439 -9.60 13.11 6.44
N VAL A 440 -10.68 13.71 6.91
CA VAL A 440 -10.65 14.31 8.26
C VAL A 440 -12.02 14.51 8.88
N ALA A 441 -12.13 14.27 10.18
CA ALA A 441 -13.33 14.78 10.94
C ALA A 441 -12.82 15.58 12.15
N SER A 442 -13.51 16.67 12.45
CA SER A 442 -13.17 17.47 13.71
C SER A 442 -14.27 17.32 14.73
N ILE A 443 -13.85 17.38 15.99
CA ILE A 443 -14.82 17.21 17.11
C ILE A 443 -14.58 18.29 18.16
N TYR A 444 -15.66 18.71 18.82
CA TYR A 444 -15.64 19.96 19.62
C TYR A 444 -16.32 19.69 20.96
N SER A 445 -15.60 19.94 22.05
CA SER A 445 -16.09 19.71 23.39
C SER A 445 -15.33 20.59 24.40
N ASN A 446 -16.00 20.83 25.57
CA ASN A 446 -15.32 21.40 26.75
C ASN A 446 -14.53 20.37 27.51
N ASP A 447 -14.79 19.08 27.25
CA ASP A 447 -14.18 17.98 28.04
C ASP A 447 -13.05 17.29 27.27
N ASP A 448 -11.80 17.56 27.61
CA ASP A 448 -10.64 16.96 26.85
C ASP A 448 -10.61 15.42 26.89
N ALA A 449 -10.76 14.82 28.08
CA ALA A 449 -10.85 13.32 28.19
C ALA A 449 -11.91 12.70 27.26
N HIS A 450 -13.08 13.35 27.21
CA HIS A 450 -14.16 12.93 26.34
C HIS A 450 -13.71 12.92 24.88
N LEU A 451 -12.95 13.94 24.49
CA LEU A 451 -12.49 14.00 23.09
C LEU A 451 -11.56 12.82 22.71
N GLY A 452 -10.64 12.44 23.63
CA GLY A 452 -9.82 11.22 23.48
C GLY A 452 -10.69 10.00 23.13
N ARG A 453 -11.77 9.79 23.87
CA ARG A 453 -12.57 8.57 23.74
C ARG A 453 -13.33 8.64 22.43
N LEU A 454 -13.88 9.81 22.12
CA LEU A 454 -14.66 9.97 20.89
C LEU A 454 -13.77 9.77 19.65
N ALA A 455 -12.59 10.35 19.70
CA ALA A 455 -11.63 10.27 18.57
C ALA A 455 -11.48 8.83 18.14
N LEU A 456 -11.31 7.89 19.07
CA LEU A 456 -11.11 6.48 18.69
C LEU A 456 -12.30 5.89 17.95
N GLU A 457 -13.51 6.45 18.17
CA GLU A 457 -14.69 5.95 17.44
C GLU A 457 -14.74 6.38 15.99
N LEU A 458 -13.89 7.36 15.61
CA LEU A 458 -14.00 7.90 14.22
C LEU A 458 -12.76 7.45 13.46
N ALA A 459 -11.77 6.93 14.18
CA ALA A 459 -10.46 6.67 13.61
C ALA A 459 -10.47 5.65 12.40
N ASP A 460 -11.42 4.71 12.37
CA ASP A 460 -11.39 3.66 11.34
C ASP A 460 -11.99 4.15 10.04
N SER A 461 -12.53 5.35 10.03
CA SER A 461 -13.11 5.87 8.79
C SER A 461 -12.56 7.25 8.39
N HIS A 462 -11.56 7.76 9.13
CA HIS A 462 -11.00 9.09 8.86
C HIS A 462 -9.51 9.01 9.00
N GLY A 463 -8.77 9.53 8.01
CA GLY A 463 -7.29 9.51 8.08
C GLY A 463 -6.75 10.41 9.18
N ARG A 464 -7.56 11.38 9.62
CA ARG A 464 -7.20 12.36 10.67
C ARG A 464 -8.42 12.74 11.45
N VAL A 465 -8.27 12.80 12.75
CA VAL A 465 -9.37 13.24 13.65
C VAL A 465 -8.78 14.40 14.45
N HIS A 466 -9.46 15.54 14.46
CA HIS A 466 -8.88 16.82 14.85
C HIS A 466 -9.77 17.37 15.98
N ALA A 467 -9.24 17.37 17.23
CA ALA A 467 -10.14 17.75 18.37
C ALA A 467 -9.88 19.14 18.83
N ILE A 468 -10.94 19.94 18.95
CA ILE A 468 -10.81 21.34 19.37
C ILE A 468 -11.58 21.58 20.67
N SER A 469 -10.90 22.18 21.65
CA SER A 469 -11.52 22.46 22.93
C SER A 469 -10.83 23.72 23.51
N PRO A 470 -11.47 24.31 24.53
CA PRO A 470 -10.99 25.55 25.14
C PRO A 470 -9.53 25.51 25.54
N SER A 471 -9.06 24.36 26.05
CA SER A 471 -7.66 24.32 26.48
C SER A 471 -6.64 24.47 25.32
N VAL A 472 -7.13 24.32 24.06
CA VAL A 472 -6.29 24.48 22.84
C VAL A 472 -6.85 25.50 21.85
N GLN A 473 -7.68 26.39 22.37
CA GLN A 473 -8.14 27.47 21.52
C GLN A 473 -7.00 28.29 20.88
N HIS A 474 -5.87 28.47 21.56
CA HIS A 474 -4.74 29.24 21.09
C HIS A 474 -3.71 28.41 20.30
N SER A 475 -3.78 27.09 20.43
CA SER A 475 -2.73 26.21 19.89
C SER A 475 -3.16 25.23 18.82
N GLN A 476 -4.49 24.96 18.72
CA GLN A 476 -4.96 23.96 17.76
C GLN A 476 -4.69 24.50 16.32
N THR A 477 -4.30 23.57 15.45
CA THR A 477 -3.64 23.92 14.21
C THR A 477 -4.62 24.01 13.06
N GLY A 478 -5.88 23.73 13.37
CA GLY A 478 -6.96 23.90 12.40
C GLY A 478 -7.48 22.63 11.76
N HIS A 479 -8.78 22.58 11.56
CA HIS A 479 -9.43 21.44 10.96
C HIS A 479 -8.78 21.07 9.60
N GLY A 480 -8.64 22.05 8.70
CA GLY A 480 -8.34 21.78 7.26
C GLY A 480 -6.88 21.95 6.95
N ASN A 481 -6.12 22.49 7.92
CA ASN A 481 -4.66 22.70 7.71
C ASN A 481 -3.86 21.44 7.90
N VAL A 482 -3.01 21.08 6.94
CA VAL A 482 -2.32 19.80 6.96
C VAL A 482 -0.89 19.99 7.55
N MET A 483 -0.70 19.46 8.78
CA MET A 483 0.59 19.50 9.42
C MET A 483 1.44 18.32 8.89
N PRO A 484 2.66 18.59 8.40
CA PRO A 484 3.38 17.56 7.60
C PRO A 484 3.87 16.33 8.47
N MET A 485 3.94 16.56 9.78
CA MET A 485 4.24 15.50 10.76
C MET A 485 3.09 14.51 10.97
N SER A 486 1.92 14.85 10.44
CA SER A 486 0.73 14.02 10.66
C SER A 486 0.28 13.43 9.36
N LEU A 487 -0.26 12.22 9.47
CA LEU A 487 -0.87 11.52 8.26
C LEU A 487 -1.86 12.37 7.43
N HIS A 488 -1.68 12.40 6.09
CA HIS A 488 -2.71 13.00 5.18
C HIS A 488 -3.30 11.97 4.21
N GLY A 489 -4.62 11.79 4.22
CA GLY A 489 -5.23 10.76 3.31
C GLY A 489 -6.47 10.24 4.04
N GLY A 490 -7.22 9.35 3.38
CA GLY A 490 -8.34 8.71 4.06
C GLY A 490 -8.84 7.51 3.30
N PRO A 491 -9.63 6.67 3.98
CA PRO A 491 -10.06 5.42 3.40
C PRO A 491 -11.29 5.60 2.50
N GLY A 492 -11.58 4.55 1.74
CA GLY A 492 -12.84 4.61 1.01
C GLY A 492 -12.95 5.75 -0.04
N ARG A 493 -14.01 6.57 0.08
CA ARG A 493 -14.26 7.64 -0.92
C ARG A 493 -13.05 8.57 -1.10
N ALA A 494 -12.32 8.85 0.00
CA ALA A 494 -11.25 9.82 -0.02
C ALA A 494 -10.04 9.30 -0.76
N GLY A 495 -10.02 8.02 -1.09
CA GLY A 495 -9.04 7.42 -2.01
C GLY A 495 -8.25 6.23 -1.54
N GLY A 496 -8.20 5.98 -0.21
CA GLY A 496 -7.42 4.91 0.23
C GLY A 496 -5.90 5.25 0.31
N GLY A 497 -5.56 6.52 0.23
CA GLY A 497 -4.13 6.94 0.14
C GLY A 497 -3.59 7.36 1.52
N GLU A 498 -2.26 7.46 1.57
CA GLU A 498 -1.47 7.92 2.74
C GLU A 498 -0.30 8.70 2.21
N ALA A 499 -0.14 9.90 2.74
CA ALA A 499 1.00 10.79 2.49
C ALA A 499 1.42 11.51 3.77
N LEU A 500 2.55 12.20 3.72
CA LEU A 500 3.02 12.93 4.91
C LEU A 500 3.19 11.97 6.13
N GLY A 501 2.74 12.43 7.29
CA GLY A 501 3.02 11.71 8.55
C GLY A 501 4.52 11.63 8.85
N GLY A 502 5.22 12.72 8.63
CA GLY A 502 6.69 12.79 8.84
C GLY A 502 7.46 11.71 8.11
N LEU A 503 8.28 10.95 8.86
CA LEU A 503 9.13 9.89 8.24
C LEU A 503 8.29 8.80 7.51
N ARG A 504 6.99 8.69 7.81
CA ARG A 504 6.13 7.65 7.27
C ARG A 504 6.05 7.83 5.76
N ALA A 505 6.24 9.07 5.33
CA ALA A 505 6.07 9.42 3.88
C ALA A 505 7.18 8.77 3.06
N LEU A 506 8.29 8.46 3.71
CA LEU A 506 9.48 7.99 2.95
C LEU A 506 9.25 6.60 2.36
N ALA A 507 8.44 5.79 3.06
CA ALA A 507 8.20 4.41 2.71
C ALA A 507 7.59 4.27 1.28
N PHE A 508 6.68 5.18 0.90
CA PHE A 508 6.08 5.17 -0.50
C PHE A 508 7.17 5.25 -1.56
N TYR A 509 8.37 5.80 -1.20
CA TYR A 509 9.40 5.99 -2.25
C TYR A 509 10.52 4.93 -2.18
N HIS A 510 10.40 4.00 -1.23
CA HIS A 510 11.44 2.94 -1.02
C HIS A 510 10.89 1.55 -1.24
N ARG A 511 11.80 0.59 -1.41
CA ARG A 511 11.52 -0.82 -1.37
C ARG A 511 12.03 -1.38 -0.06
N ARG A 512 11.20 -2.17 0.60
CA ARG A 512 11.61 -2.74 1.94
C ARG A 512 12.10 -4.17 1.64
N SER A 513 13.11 -4.62 2.38
CA SER A 513 13.69 -5.95 2.23
C SER A 513 14.16 -6.48 3.56
N ALA A 514 13.94 -7.77 3.79
CA ALA A 514 14.50 -8.48 5.01
C ALA A 514 15.86 -9.03 4.60
N ILE A 515 16.94 -8.64 5.33
CA ILE A 515 18.26 -9.21 5.05
C ILE A 515 18.53 -10.22 6.16
N GLN A 516 18.76 -11.46 5.83
CA GLN A 516 19.06 -12.55 6.82
C GLN A 516 20.48 -13.02 6.56
N ALA A 517 21.32 -12.96 7.59
CA ALA A 517 22.76 -13.13 7.42
C ALA A 517 23.50 -13.43 8.79
N ALA A 518 24.75 -13.86 8.68
CA ALA A 518 25.64 -13.94 9.83
C ALA A 518 25.54 -12.63 10.60
N SER A 519 25.59 -12.72 11.92
CA SER A 519 25.52 -11.56 12.80
C SER A 519 26.61 -10.49 12.55
N ALA A 520 27.83 -10.89 12.16
CA ALA A 520 28.83 -9.91 11.64
C ALA A 520 28.37 -9.07 10.42
N ALA A 521 27.73 -9.72 9.43
CA ALA A 521 27.23 -9.06 8.21
C ALA A 521 26.15 -8.08 8.57
N ILE A 522 25.38 -8.42 9.60
CA ILE A 522 24.23 -7.61 10.05
C ILE A 522 24.65 -6.37 10.89
N GLY A 523 24.12 -5.20 10.51
CA GLY A 523 23.81 -4.09 11.45
C GLY A 523 24.93 -3.73 12.44
N HIS B 3 -21.20 -45.31 -3.99
CA HIS B 3 -21.52 -44.13 -4.87
C HIS B 3 -20.38 -43.20 -5.39
N MET B 4 -20.28 -41.96 -4.89
CA MET B 4 -19.23 -41.02 -5.37
C MET B 4 -18.36 -40.67 -4.15
N THR B 5 -17.19 -40.08 -4.39
CA THR B 5 -16.28 -39.61 -3.29
C THR B 5 -17.01 -38.49 -2.49
N GLU B 6 -16.51 -38.19 -1.30
CA GLU B 6 -17.09 -37.16 -0.45
C GLU B 6 -17.16 -35.74 -1.13
N LEU B 7 -18.32 -35.12 -1.14
CA LEU B 7 -18.39 -33.68 -1.60
C LEU B 7 -18.21 -32.78 -0.36
N LEU B 8 -17.05 -32.10 -0.27
CA LEU B 8 -16.71 -31.18 0.84
C LEU B 8 -17.65 -29.98 0.86
N LYS B 9 -18.30 -29.75 1.98
CA LYS B 9 -19.13 -28.52 2.14
C LYS B 9 -18.36 -27.23 2.33
N ASN B 10 -18.98 -26.09 1.93
CA ASN B 10 -18.48 -24.74 2.18
C ASN B 10 -18.98 -24.27 3.54
N HIS B 11 -18.23 -23.42 4.24
CA HIS B 11 -18.79 -22.88 5.50
C HIS B 11 -19.04 -21.39 5.20
N VAL B 12 -20.31 -21.01 5.09
CA VAL B 12 -20.66 -19.65 4.78
C VAL B 12 -21.93 -19.23 5.54
N ALA B 13 -21.93 -17.95 5.92
CA ALA B 13 -22.93 -17.41 6.85
C ALA B 13 -23.24 -18.32 8.04
N GLY B 14 -22.18 -18.80 8.67
CA GLY B 14 -22.37 -19.53 9.90
C GLY B 14 -22.93 -20.95 9.75
N GLN B 15 -22.97 -21.46 8.50
CA GLN B 15 -23.57 -22.77 8.14
C GLN B 15 -22.77 -23.59 7.08
N TRP B 16 -22.82 -24.92 7.19
CA TRP B 16 -22.14 -25.82 6.25
C TRP B 16 -23.14 -26.03 5.14
N ILE B 17 -22.73 -25.72 3.93
CA ILE B 17 -23.58 -25.73 2.79
C ILE B 17 -22.91 -26.40 1.58
N ALA B 18 -23.59 -27.37 0.98
CA ALA B 18 -23.03 -27.98 -0.22
C ALA B 18 -23.28 -27.18 -1.49
N GLY B 19 -22.29 -27.19 -2.37
CA GLY B 19 -22.43 -26.69 -3.72
C GLY B 19 -23.29 -27.70 -4.53
N THR B 20 -23.97 -27.22 -5.55
CA THR B 20 -24.81 -28.07 -6.40
C THR B 20 -23.98 -28.72 -7.51
N GLY B 21 -24.62 -29.59 -8.27
CA GLY B 21 -23.94 -30.23 -9.38
C GLY B 21 -23.02 -31.39 -8.98
N ALA B 22 -22.31 -31.88 -9.98
CA ALA B 22 -21.35 -33.00 -9.84
C ALA B 22 -20.05 -32.64 -9.13
N GLY B 23 -19.68 -31.35 -9.14
CA GLY B 23 -18.47 -30.86 -8.47
C GLY B 23 -17.21 -31.19 -9.26
N ILE B 24 -16.06 -30.75 -8.75
CA ILE B 24 -14.76 -30.97 -9.36
C ILE B 24 -14.01 -31.99 -8.49
N THR B 25 -13.52 -33.08 -9.10
CA THR B 25 -12.90 -34.18 -8.27
C THR B 25 -11.44 -33.79 -8.01
N LEU B 26 -11.00 -33.95 -6.76
CA LEU B 26 -9.59 -33.93 -6.49
C LEU B 26 -9.01 -35.34 -6.58
N THR B 27 -7.76 -35.47 -7.05
CA THR B 27 -7.15 -36.80 -7.23
C THR B 27 -5.72 -36.88 -6.66
N ASP B 28 -5.30 -38.11 -6.35
CA ASP B 28 -3.97 -38.40 -5.86
C ASP B 28 -3.00 -38.23 -7.07
N PRO B 29 -2.00 -37.34 -6.96
CA PRO B 29 -1.15 -37.08 -8.18
C PRO B 29 -0.15 -38.20 -8.46
N VAL B 30 0.01 -39.15 -7.52
CA VAL B 30 0.85 -40.37 -7.64
C VAL B 30 0.03 -41.54 -8.23
N THR B 31 -1.12 -41.85 -7.60
CA THR B 31 -1.83 -43.03 -7.88
C THR B 31 -2.99 -42.83 -8.83
N GLY B 32 -3.42 -41.57 -9.04
CA GLY B 32 -4.62 -41.33 -9.86
C GLY B 32 -6.00 -41.60 -9.22
N VAL B 33 -5.99 -42.04 -7.99
CA VAL B 33 -7.19 -42.30 -7.16
C VAL B 33 -7.98 -41.02 -6.89
N ALA B 34 -9.31 -41.12 -7.07
CA ALA B 34 -10.22 -40.04 -6.69
C ALA B 34 -10.37 -39.91 -5.21
N LEU B 35 -10.21 -38.69 -4.69
CA LEU B 35 -10.19 -38.49 -3.26
C LEU B 35 -11.49 -37.92 -2.69
N VAL B 36 -11.89 -36.74 -3.19
CA VAL B 36 -13.00 -35.89 -2.68
C VAL B 36 -13.43 -34.96 -3.82
N ARG B 37 -14.56 -34.31 -3.66
CA ARG B 37 -15.00 -33.35 -4.65
C ARG B 37 -15.29 -32.02 -3.95
N VAL B 38 -15.21 -30.92 -4.73
CA VAL B 38 -15.63 -29.56 -4.31
C VAL B 38 -16.67 -28.95 -5.24
N SER B 39 -17.51 -28.04 -4.73
CA SER B 39 -18.34 -27.22 -5.60
C SER B 39 -18.83 -25.96 -4.86
N SER B 40 -18.84 -24.81 -5.57
CA SER B 40 -19.40 -23.61 -4.96
C SER B 40 -20.70 -23.20 -5.66
N GLU B 41 -21.18 -24.03 -6.59
CA GLU B 41 -22.39 -23.71 -7.36
C GLU B 41 -23.62 -23.47 -6.54
N GLY B 42 -24.30 -22.35 -6.85
CA GLY B 42 -25.53 -21.97 -6.14
C GLY B 42 -25.41 -21.35 -4.76
N LEU B 43 -24.18 -21.04 -4.31
CA LEU B 43 -24.06 -20.40 -3.01
C LEU B 43 -24.56 -18.94 -3.02
N ASP B 44 -25.13 -18.49 -1.90
CA ASP B 44 -25.63 -17.12 -1.84
C ASP B 44 -24.43 -16.25 -1.41
N LEU B 45 -23.70 -15.75 -2.41
CA LEU B 45 -22.45 -15.02 -2.07
C LEU B 45 -22.70 -13.68 -1.36
N ALA B 46 -23.78 -12.93 -1.70
CA ALA B 46 -24.22 -11.76 -0.93
C ALA B 46 -24.31 -12.00 0.59
N ARG B 47 -25.01 -13.05 1.01
CA ARG B 47 -25.07 -13.48 2.46
C ARG B 47 -23.77 -13.90 3.07
N ALA B 48 -22.98 -14.67 2.29
CA ALA B 48 -21.70 -15.19 2.77
C ALA B 48 -20.84 -13.97 3.19
N PHE B 49 -20.80 -12.94 2.31
CA PHE B 49 -19.96 -11.79 2.62
C PHE B 49 -20.55 -10.85 3.72
N SER B 50 -21.87 -10.64 3.70
CA SER B 50 -22.51 -9.78 4.69
C SER B 50 -22.46 -10.37 6.11
N PHE B 51 -22.62 -11.71 6.23
CA PHE B 51 -22.59 -12.35 7.59
C PHE B 51 -21.18 -12.24 8.16
N ALA B 52 -20.19 -12.51 7.30
CA ALA B 52 -18.79 -12.31 7.74
C ALA B 52 -18.52 -10.89 8.14
N ARG B 53 -18.90 -9.93 7.27
CA ARG B 53 -18.50 -8.51 7.41
C ARG B 53 -19.19 -7.90 8.64
N GLU B 54 -20.48 -8.21 8.80
CA GLU B 54 -21.28 -7.65 9.95
C GLU B 54 -21.11 -8.45 11.24
N ASP B 55 -21.65 -9.67 11.24
CA ASP B 55 -21.55 -10.52 12.46
C ASP B 55 -20.15 -10.92 12.84
N GLY B 56 -19.41 -11.36 11.82
CA GLY B 56 -18.04 -11.86 12.02
C GLY B 56 -17.16 -10.74 12.56
N GLY B 57 -17.21 -9.60 11.87
CA GLY B 57 -16.37 -8.47 12.20
C GLY B 57 -16.73 -7.84 13.54
N ALA B 58 -18.03 -7.65 13.79
CA ALA B 58 -18.47 -7.11 15.15
C ALA B 58 -18.02 -8.04 16.33
N ALA B 59 -18.21 -9.36 16.16
CA ALA B 59 -17.81 -10.32 17.17
C ALA B 59 -16.29 -10.27 17.50
N LEU B 60 -15.51 -10.21 16.43
CA LEU B 60 -14.04 -10.14 16.58
C LEU B 60 -13.62 -8.82 17.20
N ARG B 61 -14.26 -7.75 16.75
CA ARG B 61 -13.88 -6.42 17.28
C ARG B 61 -14.27 -6.22 18.75
N ALA B 62 -15.32 -6.94 19.20
CA ALA B 62 -15.69 -6.90 20.66
C ALA B 62 -14.65 -7.53 21.56
N LEU B 63 -13.81 -8.43 21.05
CA LEU B 63 -12.70 -9.04 21.82
C LEU B 63 -11.47 -8.08 21.76
N THR B 64 -10.54 -8.13 22.71
CA THR B 64 -9.27 -7.43 22.64
C THR B 64 -8.24 -8.22 21.83
N TYR B 65 -7.13 -7.59 21.44
CA TYR B 65 -6.00 -8.33 20.80
C TYR B 65 -5.62 -9.54 21.67
N ALA B 66 -5.48 -9.40 23.01
CA ALA B 66 -5.03 -10.55 23.82
C ALA B 66 -6.05 -11.70 23.86
N GLN B 67 -7.35 -11.36 23.87
CA GLN B 67 -8.39 -12.39 23.80
C GLN B 67 -8.34 -13.10 22.42
N ARG B 68 -8.17 -12.34 21.36
CA ARG B 68 -7.97 -12.99 20.03
C ARG B 68 -6.74 -13.87 19.94
N ALA B 69 -5.62 -13.46 20.61
CA ALA B 69 -4.39 -14.17 20.59
C ALA B 69 -4.58 -15.49 21.39
N ALA B 70 -5.36 -15.44 22.45
CA ALA B 70 -5.67 -16.63 23.21
C ALA B 70 -6.49 -17.63 22.41
N ARG B 71 -7.36 -17.15 21.51
CA ARG B 71 -8.05 -18.05 20.59
C ARG B 71 -7.09 -18.65 19.55
N LEU B 72 -6.14 -17.85 19.04
CA LEU B 72 -5.08 -18.43 18.16
C LEU B 72 -4.29 -19.54 18.88
N ALA B 73 -3.91 -19.32 20.13
CA ALA B 73 -3.24 -20.36 20.88
C ALA B 73 -4.00 -21.65 21.06
N ASP B 74 -5.30 -21.51 21.33
CA ASP B 74 -6.22 -22.65 21.30
C ASP B 74 -6.29 -23.35 19.94
N ILE B 75 -6.25 -22.61 18.83
CA ILE B 75 -6.20 -23.26 17.51
C ILE B 75 -4.88 -24.03 17.32
N VAL B 76 -3.74 -23.48 17.77
CA VAL B 76 -2.47 -24.17 17.72
C VAL B 76 -2.58 -25.58 18.33
N LYS B 77 -3.13 -25.66 19.55
CA LYS B 77 -3.28 -26.95 20.29
C LYS B 77 -4.18 -27.96 19.54
N LEU B 78 -5.27 -27.47 18.99
CA LEU B 78 -6.15 -28.28 18.11
C LEU B 78 -5.46 -28.83 16.87
N LEU B 79 -4.81 -27.98 16.06
CA LEU B 79 -4.11 -28.43 14.84
C LEU B 79 -3.04 -29.45 15.21
N GLN B 80 -2.26 -29.17 16.28
CA GLN B 80 -1.21 -30.08 16.67
C GLN B 80 -1.73 -31.50 17.00
N ALA B 81 -2.82 -31.53 17.76
CA ALA B 81 -3.49 -32.80 18.13
C ALA B 81 -4.02 -33.56 16.91
N LYS B 82 -4.32 -32.86 15.80
CA LYS B 82 -4.86 -33.58 14.65
C LYS B 82 -3.82 -33.72 13.52
N ARG B 83 -2.54 -33.52 13.81
CA ARG B 83 -1.61 -33.61 12.67
C ARG B 83 -1.63 -34.93 11.94
N GLY B 84 -1.96 -36.04 12.61
CA GLY B 84 -1.90 -37.32 11.91
C GLY B 84 -2.89 -37.33 10.74
N ASP B 85 -4.07 -36.76 10.96
CA ASP B 85 -5.07 -36.65 9.86
C ASP B 85 -4.50 -35.77 8.78
N TYR B 86 -3.72 -34.75 9.14
CA TYR B 86 -3.22 -33.80 8.13
C TYR B 86 -2.15 -34.38 7.21
N TYR B 87 -1.28 -35.16 7.78
CA TYR B 87 -0.20 -35.83 7.07
C TYR B 87 -0.80 -36.86 6.12
N ALA B 88 -1.89 -37.52 6.49
CA ALA B 88 -2.54 -38.48 5.60
C ALA B 88 -3.16 -37.80 4.38
N ILE B 89 -3.83 -36.68 4.60
CA ILE B 89 -4.40 -35.89 3.43
C ILE B 89 -3.21 -35.39 2.57
N ALA B 90 -2.13 -34.87 3.19
CA ALA B 90 -1.06 -34.34 2.35
C ALA B 90 -0.41 -35.39 1.41
N THR B 91 -0.19 -36.60 1.95
CA THR B 91 0.44 -37.72 1.23
C THR B 91 -0.48 -38.02 0.06
N ALA B 92 -1.78 -38.09 0.31
CA ALA B 92 -2.71 -38.48 -0.83
C ALA B 92 -2.93 -37.33 -1.75
N ASN B 93 -3.18 -36.14 -1.29
CA ASN B 93 -3.63 -35.03 -2.22
C ASN B 93 -2.43 -34.37 -2.92
N SER B 94 -1.32 -34.23 -2.20
CA SER B 94 -0.18 -33.53 -2.80
C SER B 94 0.98 -34.38 -3.25
N GLY B 95 1.09 -35.66 -2.81
CA GLY B 95 2.16 -36.56 -3.24
C GLY B 95 3.55 -36.17 -2.75
N THR B 96 3.59 -35.55 -1.58
CA THR B 96 4.82 -35.09 -1.01
C THR B 96 5.34 -36.10 0.01
N THR B 97 6.67 -36.21 0.02
CA THR B 97 7.33 -36.87 1.19
C THR B 97 6.93 -36.31 2.55
N ARG B 98 7.13 -37.11 3.61
CA ARG B 98 6.76 -36.65 4.95
C ARG B 98 7.53 -35.33 5.35
N ASN B 99 8.81 -35.27 5.04
CA ASN B 99 9.59 -34.08 5.38
C ASN B 99 9.06 -32.85 4.57
N ASP B 100 8.68 -33.10 3.31
CA ASP B 100 8.16 -32.02 2.53
C ASP B 100 6.72 -31.58 2.94
N SER B 101 5.82 -32.54 3.26
CA SER B 101 4.52 -32.24 3.86
C SER B 101 4.71 -31.35 5.16
N ALA B 102 5.75 -31.60 5.91
CA ALA B 102 5.97 -30.83 7.10
C ALA B 102 6.16 -29.32 6.90
N VAL B 103 6.79 -28.94 5.77
CA VAL B 103 6.95 -27.53 5.39
C VAL B 103 5.58 -26.83 5.37
N ASP B 104 4.53 -27.52 4.88
CA ASP B 104 3.18 -26.96 4.81
C ASP B 104 2.42 -27.07 6.16
N ILE B 105 2.34 -28.30 6.67
CA ILE B 105 1.63 -28.55 7.96
C ILE B 105 2.24 -27.83 9.16
N ASP B 106 3.46 -28.25 9.49
CA ASP B 106 4.14 -27.74 10.62
C ASP B 106 4.62 -26.30 10.33
N GLY B 107 4.99 -25.89 9.10
CA GLY B 107 5.19 -24.50 8.79
C GLY B 107 3.99 -23.57 9.17
N GLY B 108 2.78 -23.98 8.77
CA GLY B 108 1.51 -23.30 9.08
C GLY B 108 1.33 -23.21 10.61
N ILE B 109 1.51 -24.32 11.32
CA ILE B 109 1.24 -24.38 12.73
C ILE B 109 2.29 -23.51 13.45
N PHE B 110 3.55 -23.61 13.05
CA PHE B 110 4.60 -22.73 13.67
C PHE B 110 4.27 -21.23 13.47
N THR B 111 3.83 -20.88 12.25
CA THR B 111 3.55 -19.47 11.96
C THR B 111 2.34 -18.97 12.82
N LEU B 112 1.37 -19.83 13.02
CA LEU B 112 0.18 -19.47 13.79
C LEU B 112 0.58 -19.23 15.29
N SER B 113 1.38 -20.17 15.78
CA SER B 113 1.93 -20.07 17.17
C SER B 113 2.76 -18.79 17.39
N TYR B 114 3.62 -18.45 16.41
CA TYR B 114 4.38 -17.20 16.45
C TYR B 114 3.43 -15.97 16.65
N TYR B 115 2.34 -15.92 15.87
CA TYR B 115 1.45 -14.79 15.94
C TYR B 115 0.62 -14.84 17.24
N ALA B 116 0.39 -16.07 17.77
CA ALA B 116 -0.43 -16.20 19.02
C ALA B 116 0.42 -15.59 20.18
N LYS B 117 1.71 -15.88 20.19
CA LYS B 117 2.69 -15.34 21.19
C LYS B 117 2.89 -13.86 21.01
N LEU B 118 3.13 -13.40 19.78
CA LEU B 118 3.21 -11.96 19.55
C LEU B 118 1.96 -11.23 20.01
N GLY B 119 0.80 -11.81 19.66
CA GLY B 119 -0.48 -11.18 19.96
C GLY B 119 -0.79 -11.06 21.44
N ALA B 120 -0.29 -12.00 22.22
CA ALA B 120 -0.57 -11.96 23.68
C ALA B 120 0.05 -10.68 24.29
N SER B 121 1.10 -10.18 23.63
CA SER B 121 1.85 -9.00 24.11
C SER B 121 1.09 -7.66 23.77
N LEU B 122 -0.03 -7.74 23.01
CA LEU B 122 -0.69 -6.53 22.51
C LEU B 122 -1.74 -6.03 23.50
N GLY B 123 -1.99 -6.83 24.51
CA GLY B 123 -2.79 -6.45 25.65
C GLY B 123 -4.30 -6.45 25.43
N GLU B 124 -5.00 -6.06 26.50
CA GLU B 124 -6.45 -6.03 26.53
C GLU B 124 -6.96 -4.67 26.06
N VAL B 125 -6.73 -4.33 24.78
CA VAL B 125 -7.10 -3.06 24.18
C VAL B 125 -7.74 -3.34 22.85
N HIS B 126 -8.34 -2.33 22.20
CA HIS B 126 -8.96 -2.51 20.90
C HIS B 126 -8.34 -1.64 19.80
N ALA B 127 -7.25 -0.93 20.09
CA ALA B 127 -6.57 -0.18 19.01
C ALA B 127 -5.12 -0.11 19.42
N LEU B 128 -4.25 0.07 18.43
CA LEU B 128 -2.80 0.08 18.72
C LEU B 128 -2.21 1.45 18.41
N ARG B 129 -1.10 1.79 19.08
CA ARG B 129 -0.37 3.01 18.85
C ARG B 129 0.64 2.81 17.72
N ASP B 130 0.67 3.79 16.80
CA ASP B 130 1.70 3.85 15.77
C ASP B 130 2.69 4.95 16.12
N GLY B 131 3.88 4.58 16.59
CA GLY B 131 4.80 5.66 16.98
C GLY B 131 4.43 6.35 18.30
N SER B 132 5.18 7.37 18.65
CA SER B 132 4.81 8.11 19.80
C SER B 132 4.21 9.45 19.36
N ALA B 133 3.76 10.13 20.37
CA ALA B 133 3.15 11.41 20.36
C ALA B 133 4.18 12.45 20.00
N GLU B 134 3.71 13.50 19.33
CA GLU B 134 4.55 14.59 18.82
C GLU B 134 3.83 15.89 19.14
N SER B 135 4.57 16.84 19.70
CA SER B 135 3.99 18.18 19.93
C SER B 135 3.73 18.97 18.65
N LEU B 136 2.57 19.60 18.61
CA LEU B 136 2.15 20.45 17.49
C LEU B 136 2.09 21.93 17.90
N SER B 137 2.72 22.28 19.04
CA SER B 137 2.67 23.63 19.58
C SER B 137 3.86 23.94 20.51
N LYS B 138 4.27 25.21 20.60
CA LYS B 138 5.41 25.53 21.45
C LYS B 138 5.18 25.10 22.89
N ASP B 139 3.95 25.27 23.38
CA ASP B 139 3.71 24.99 24.78
C ASP B 139 3.30 23.55 25.05
N ARG B 140 3.21 22.72 23.99
CA ARG B 140 2.88 21.30 24.10
C ARG B 140 1.45 21.03 24.58
N SER B 141 0.63 22.07 24.56
CA SER B 141 -0.74 21.94 24.89
C SER B 141 -1.47 21.14 23.80
N PHE B 142 -0.94 21.15 22.58
CA PHE B 142 -1.70 20.46 21.48
C PHE B 142 -0.73 19.49 20.86
N SER B 143 -1.11 18.20 20.82
CA SER B 143 -0.18 17.17 20.32
C SER B 143 -0.87 16.20 19.34
N ALA B 144 -0.09 15.29 18.75
CA ALA B 144 -0.59 14.33 17.73
C ALA B 144 -0.09 12.90 18.08
N GLN B 145 -0.98 11.91 17.94
CA GLN B 145 -0.68 10.53 18.17
C GLN B 145 -1.36 9.69 17.07
N HIS B 146 -0.55 8.89 16.33
CA HIS B 146 -1.20 8.01 15.30
C HIS B 146 -1.67 6.71 15.91
N VAL B 147 -2.78 6.17 15.35
CA VAL B 147 -3.29 4.94 15.83
C VAL B 147 -3.68 4.04 14.68
N LEU B 148 -3.77 2.75 15.01
CA LEU B 148 -4.19 1.71 14.08
C LEU B 148 -5.52 1.07 14.56
N SER B 149 -6.54 1.00 13.70
CA SER B 149 -7.87 0.44 14.09
C SER B 149 -8.27 -0.64 13.07
N PRO B 150 -8.90 -1.74 13.50
CA PRO B 150 -9.28 -2.80 12.61
C PRO B 150 -10.18 -2.26 11.52
N THR B 151 -9.92 -2.71 10.28
CA THR B 151 -10.72 -2.30 9.14
C THR B 151 -12.12 -2.96 9.25
N ARG B 152 -13.16 -2.18 9.03
CA ARG B 152 -14.56 -2.66 9.07
C ARG B 152 -14.93 -3.39 7.79
N GLY B 153 -14.25 -4.49 7.56
CA GLY B 153 -14.39 -5.22 6.31
C GLY B 153 -14.09 -6.71 6.57
N VAL B 154 -13.97 -7.46 5.50
CA VAL B 154 -13.56 -8.84 5.55
C VAL B 154 -12.20 -8.95 4.84
N ALA B 155 -11.51 -10.06 5.11
CA ALA B 155 -10.26 -10.42 4.35
C ALA B 155 -10.50 -11.66 3.52
N LEU B 156 -10.39 -11.48 2.20
CA LEU B 156 -10.51 -12.54 1.23
C LEU B 156 -9.15 -13.02 0.80
N PHE B 157 -8.87 -14.28 1.06
CA PHE B 157 -7.61 -14.92 0.63
C PHE B 157 -7.83 -15.84 -0.57
N ILE B 158 -7.22 -15.52 -1.73
CA ILE B 158 -7.24 -16.45 -2.84
C ILE B 158 -5.86 -17.09 -2.83
N ASN B 159 -5.78 -18.38 -2.43
CA ASN B 159 -4.49 -19.02 -2.10
C ASN B 159 -3.97 -20.04 -3.11
N ALA B 160 -2.64 -20.12 -3.23
CA ALA B 160 -2.05 -20.93 -4.30
C ALA B 160 -2.09 -22.42 -3.94
N PHE B 161 -1.93 -23.31 -4.92
CA PHE B 161 -2.04 -24.77 -4.68
C PHE B 161 -0.91 -25.40 -3.91
N ASN B 162 0.21 -24.68 -3.86
CA ASN B 162 1.36 -25.32 -3.29
C ASN B 162 1.28 -25.45 -1.76
N PHE B 163 0.61 -24.49 -1.08
CA PHE B 163 0.66 -24.49 0.43
C PHE B 163 -0.77 -24.33 0.97
N PRO B 164 -1.66 -25.37 0.77
CA PRO B 164 -3.02 -25.32 1.35
C PRO B 164 -3.11 -24.99 2.86
N SER B 165 -2.14 -25.48 3.64
CA SER B 165 -2.04 -25.16 5.11
C SER B 165 -1.33 -23.82 5.44
N TRP B 166 -0.05 -23.71 5.12
CA TRP B 166 0.69 -22.49 5.34
C TRP B 166 0.06 -21.24 4.70
N GLY B 167 -0.49 -21.34 3.47
CA GLY B 167 -1.08 -20.16 2.87
C GLY B 167 -2.33 -19.65 3.62
N LEU B 168 -3.07 -20.62 4.22
CA LEU B 168 -4.20 -20.32 5.15
C LEU B 168 -3.72 -19.59 6.39
N TRP B 169 -2.83 -20.24 7.12
CA TRP B 169 -2.42 -19.72 8.41
C TRP B 169 -1.48 -18.54 8.35
N GLU B 170 -0.62 -18.45 7.32
CA GLU B 170 0.25 -17.27 7.29
C GLU B 170 -0.50 -15.92 7.13
N LYS B 171 -1.61 -15.96 6.38
CA LYS B 171 -2.44 -14.84 6.23
C LYS B 171 -3.51 -14.69 7.38
N ALA B 172 -4.13 -15.81 7.80
CA ALA B 172 -5.25 -15.77 8.80
C ALA B 172 -4.72 -15.39 10.18
N ALA B 173 -3.50 -15.71 10.45
CA ALA B 173 -3.10 -15.39 11.85
C ALA B 173 -3.10 -13.90 12.04
N PRO B 174 -2.32 -13.10 11.21
CA PRO B 174 -2.41 -11.67 11.48
C PRO B 174 -3.78 -11.05 11.24
N ALA B 175 -4.57 -11.63 10.31
CA ALA B 175 -5.90 -11.06 10.02
C ALA B 175 -6.81 -11.23 11.27
N LEU B 176 -6.84 -12.42 11.82
CA LEU B 176 -7.72 -12.68 12.98
C LEU B 176 -7.21 -11.99 14.24
N LEU B 177 -5.89 -11.92 14.39
CA LEU B 177 -5.37 -11.17 15.50
C LEU B 177 -5.72 -9.67 15.42
N SER B 178 -5.81 -9.12 14.21
CA SER B 178 -6.23 -7.76 13.95
C SER B 178 -7.78 -7.51 14.03
N GLY B 179 -8.57 -8.57 14.27
CA GLY B 179 -10.01 -8.47 14.46
C GLY B 179 -10.75 -8.47 13.13
N VAL B 180 -10.11 -9.04 12.10
CA VAL B 180 -10.73 -8.97 10.77
C VAL B 180 -11.19 -10.39 10.30
N PRO B 181 -12.47 -10.52 9.92
CA PRO B 181 -12.98 -11.90 9.61
C PRO B 181 -12.43 -12.42 8.27
N VAL B 182 -12.23 -13.75 8.18
CA VAL B 182 -11.49 -14.35 7.02
C VAL B 182 -12.49 -15.13 6.15
N ILE B 183 -12.39 -14.94 4.84
CA ILE B 183 -13.03 -15.87 3.88
C ILE B 183 -11.88 -16.45 2.99
N VAL B 184 -11.60 -17.74 3.14
CA VAL B 184 -10.52 -18.37 2.39
C VAL B 184 -11.07 -19.13 1.15
N LYS B 185 -10.35 -18.94 0.04
CA LYS B 185 -10.65 -19.61 -1.19
C LYS B 185 -9.36 -20.31 -1.66
N PRO B 186 -9.15 -21.57 -1.20
CA PRO B 186 -7.98 -22.33 -1.65
C PRO B 186 -8.08 -22.78 -3.12
N ALA B 187 -6.91 -22.89 -3.77
CA ALA B 187 -6.87 -23.55 -5.11
C ALA B 187 -7.48 -24.91 -5.08
N THR B 188 -8.33 -25.16 -6.08
CA THR B 188 -9.07 -26.40 -6.17
C THR B 188 -8.25 -27.70 -6.08
N ALA B 189 -7.19 -27.84 -6.87
CA ALA B 189 -6.47 -29.11 -6.94
C ALA B 189 -6.06 -29.70 -5.56
N THR B 190 -5.66 -28.81 -4.61
CA THR B 190 -5.22 -29.28 -3.29
C THR B 190 -6.02 -28.72 -2.14
N ALA B 191 -7.26 -28.37 -2.41
CA ALA B 191 -8.13 -27.71 -1.43
C ALA B 191 -8.47 -28.52 -0.14
N TRP B 192 -8.39 -29.86 -0.24
CA TRP B 192 -8.83 -30.75 0.82
C TRP B 192 -8.23 -30.41 2.23
N LEU B 193 -6.91 -30.24 2.33
CA LEU B 193 -6.30 -29.94 3.64
C LEU B 193 -6.87 -28.61 4.20
N THR B 194 -7.03 -27.60 3.34
CA THR B 194 -7.55 -26.28 3.80
C THR B 194 -8.95 -26.48 4.38
N GLN B 195 -9.78 -27.23 3.65
CA GLN B 195 -11.15 -27.41 4.10
C GLN B 195 -11.23 -28.21 5.38
N ARG B 196 -10.37 -29.26 5.52
CA ARG B 196 -10.41 -30.07 6.75
C ARG B 196 -9.93 -29.21 7.94
N MET B 197 -8.88 -28.41 7.74
CA MET B 197 -8.39 -27.58 8.87
C MET B 197 -9.47 -26.56 9.35
N VAL B 198 -10.16 -25.96 8.37
CA VAL B 198 -11.25 -24.99 8.63
C VAL B 198 -12.37 -25.76 9.33
N ALA B 199 -12.71 -26.96 8.82
CA ALA B 199 -13.84 -27.73 9.45
C ALA B 199 -13.55 -28.04 10.92
N ASP B 200 -12.30 -28.43 11.17
CA ASP B 200 -11.78 -28.70 12.53
C ASP B 200 -11.90 -27.54 13.52
N VAL B 201 -11.45 -26.36 13.09
CA VAL B 201 -11.56 -25.12 13.86
C VAL B 201 -13.01 -24.70 14.07
N VAL B 202 -13.80 -24.72 12.97
CA VAL B 202 -15.23 -24.35 13.09
C VAL B 202 -16.00 -25.26 14.04
N ASP B 203 -15.87 -26.58 13.84
CA ASP B 203 -16.43 -27.59 14.79
C ASP B 203 -16.11 -27.34 16.26
N ALA B 204 -14.89 -26.91 16.57
CA ALA B 204 -14.43 -26.72 17.96
C ALA B 204 -15.06 -25.47 18.66
N GLY B 205 -15.61 -24.58 17.87
CA GLY B 205 -16.28 -23.35 18.33
C GLY B 205 -15.31 -22.37 19.04
N ILE B 206 -14.05 -22.39 18.65
CA ILE B 206 -12.99 -21.49 19.26
C ILE B 206 -13.26 -20.04 18.87
N LEU B 207 -13.61 -19.80 17.57
CA LEU B 207 -13.82 -18.42 17.07
C LEU B 207 -15.31 -18.09 17.02
N PRO B 208 -15.68 -16.80 17.07
CA PRO B 208 -17.13 -16.53 16.94
C PRO B 208 -17.72 -16.93 15.55
N PRO B 209 -19.03 -17.17 15.52
CA PRO B 209 -19.64 -17.35 14.23
C PRO B 209 -19.38 -16.15 13.29
N GLY B 210 -19.12 -16.51 12.02
CA GLY B 210 -18.75 -15.55 11.00
C GLY B 210 -17.28 -15.16 10.90
N ALA B 211 -16.46 -15.50 11.89
CA ALA B 211 -15.03 -15.15 11.85
C ALA B 211 -14.20 -15.90 10.79
N LEU B 212 -14.63 -17.09 10.41
CA LEU B 212 -13.80 -17.94 9.48
C LEU B 212 -14.78 -18.70 8.52
N SER B 213 -14.67 -18.39 7.23
CA SER B 213 -15.54 -18.99 6.25
C SER B 213 -14.63 -19.58 5.16
N ILE B 214 -15.17 -20.53 4.39
CA ILE B 214 -14.41 -21.18 3.30
C ILE B 214 -15.33 -21.46 2.13
N ILE B 215 -14.78 -21.18 0.93
CA ILE B 215 -15.47 -21.53 -0.32
C ILE B 215 -14.50 -22.30 -1.21
N CYS B 216 -14.90 -23.46 -1.68
CA CYS B 216 -14.05 -24.25 -2.59
C CYS B 216 -14.84 -24.51 -3.88
N GLY B 217 -14.14 -24.43 -5.01
CA GLY B 217 -14.82 -24.58 -6.33
C GLY B 217 -14.55 -23.38 -7.24
N SER B 218 -15.50 -23.06 -8.14
CA SER B 218 -15.39 -21.79 -8.86
C SER B 218 -15.24 -20.51 -8.01
N SER B 219 -14.31 -19.65 -8.41
CA SER B 219 -14.18 -18.27 -7.94
C SER B 219 -15.21 -17.25 -8.52
N ALA B 220 -16.05 -17.65 -9.49
CA ALA B 220 -16.99 -16.66 -10.07
C ALA B 220 -17.85 -15.92 -9.05
N GLY B 221 -17.90 -14.58 -9.18
CA GLY B 221 -18.69 -13.77 -8.22
C GLY B 221 -18.14 -13.31 -6.90
N LEU B 222 -16.94 -13.80 -6.55
CA LEU B 222 -16.37 -13.42 -5.25
C LEU B 222 -15.96 -11.95 -5.23
N LEU B 223 -15.11 -11.58 -6.19
CA LEU B 223 -14.66 -10.20 -6.25
C LEU B 223 -15.85 -9.22 -6.38
N ASP B 224 -16.97 -9.64 -7.05
CA ASP B 224 -18.12 -8.74 -7.16
C ASP B 224 -18.73 -8.35 -5.80
N GLN B 225 -18.46 -9.17 -4.74
CA GLN B 225 -18.90 -8.89 -3.37
C GLN B 225 -17.94 -8.00 -2.55
N ILE B 226 -16.78 -7.76 -3.13
CA ILE B 226 -15.76 -6.96 -2.38
C ILE B 226 -16.08 -5.43 -2.32
N ARG B 227 -15.96 -4.81 -1.14
CA ARG B 227 -16.29 -3.43 -0.94
C ARG B 227 -15.03 -2.67 -0.35
N SER B 228 -15.16 -1.34 -0.24
CA SER B 228 -14.01 -0.43 -0.15
C SER B 228 -13.20 -0.61 1.08
N PHE B 229 -13.81 -1.20 2.10
CA PHE B 229 -13.06 -1.38 3.43
C PHE B 229 -12.54 -2.81 3.64
N ASP B 230 -12.75 -3.65 2.61
CA ASP B 230 -12.24 -5.03 2.62
C ASP B 230 -10.81 -5.10 2.15
N VAL B 231 -10.20 -6.21 2.42
CA VAL B 231 -8.86 -6.47 1.87
C VAL B 231 -8.80 -7.79 1.07
N VAL B 232 -7.92 -7.82 0.04
CA VAL B 232 -7.74 -9.07 -0.69
C VAL B 232 -6.27 -9.43 -0.77
N SER B 233 -5.95 -10.73 -0.48
CA SER B 233 -4.57 -11.23 -0.62
C SER B 233 -4.58 -12.41 -1.59
N PHE B 234 -4.01 -12.16 -2.80
CA PHE B 234 -3.97 -13.13 -3.88
C PHE B 234 -2.58 -13.69 -4.06
N THR B 235 -2.46 -15.00 -4.21
CA THR B 235 -1.19 -15.73 -4.53
C THR B 235 -1.47 -16.60 -5.74
N GLY B 236 -0.68 -16.43 -6.79
CA GLY B 236 -0.93 -17.22 -8.04
C GLY B 236 -0.05 -16.71 -9.15
N SER B 237 -0.53 -16.92 -10.40
CA SER B 237 0.27 -16.56 -11.61
C SER B 237 0.17 -15.08 -11.94
N ALA B 238 1.23 -14.52 -12.54
CA ALA B 238 1.26 -13.12 -12.94
C ALA B 238 0.15 -12.77 -13.96
N ASP B 239 -0.14 -13.71 -14.86
CA ASP B 239 -1.31 -13.60 -15.77
C ASP B 239 -2.62 -13.30 -15.07
N THR B 240 -2.98 -14.23 -14.22
CA THR B 240 -4.21 -14.15 -13.43
C THR B 240 -4.24 -12.83 -12.63
N ALA B 241 -3.10 -12.45 -12.05
CA ALA B 241 -2.99 -11.26 -11.20
C ALA B 241 -3.42 -9.96 -11.93
N ALA B 242 -3.02 -9.84 -13.20
CA ALA B 242 -3.48 -8.72 -14.04
C ALA B 242 -5.01 -8.64 -14.43
N THR B 243 -5.68 -9.76 -14.74
CA THR B 243 -7.16 -9.80 -14.72
C THR B 243 -7.78 -9.36 -13.36
N LEU B 244 -7.24 -9.87 -12.27
CA LEU B 244 -7.73 -9.57 -10.96
C LEU B 244 -7.66 -8.07 -10.68
N ARG B 245 -6.49 -7.46 -10.96
CA ARG B 245 -6.25 -6.04 -10.71
C ARG B 245 -7.23 -5.14 -11.46
N ALA B 246 -7.74 -5.61 -12.59
CA ALA B 246 -8.61 -4.80 -13.35
C ALA B 246 -10.06 -4.79 -12.89
N HIS B 247 -10.38 -5.67 -11.95
CA HIS B 247 -11.79 -5.75 -11.48
C HIS B 247 -12.26 -4.41 -10.80
N PRO B 248 -13.55 -4.03 -10.89
CA PRO B 248 -14.06 -2.84 -10.20
C PRO B 248 -13.84 -2.78 -8.70
N ALA B 249 -13.70 -3.93 -8.01
CA ALA B 249 -13.47 -3.88 -6.55
C ALA B 249 -12.27 -3.03 -6.26
N PHE B 250 -11.28 -3.08 -7.15
CA PHE B 250 -10.01 -2.32 -6.91
C PHE B 250 -10.00 -1.01 -7.71
N VAL B 251 -10.47 -1.09 -8.97
CA VAL B 251 -10.34 0.09 -9.80
C VAL B 251 -11.36 1.24 -9.47
N GLN B 252 -12.62 0.86 -9.17
CA GLN B 252 -13.64 1.76 -8.76
C GLN B 252 -13.75 1.84 -7.24
N ARG B 253 -13.74 0.70 -6.53
CA ARG B 253 -14.06 0.72 -5.09
C ARG B 253 -12.84 0.85 -4.18
N GLY B 254 -11.66 0.67 -4.77
CA GLY B 254 -10.41 0.94 -3.99
C GLY B 254 -10.02 0.00 -2.86
N ALA B 255 -10.65 -1.17 -2.79
CA ALA B 255 -10.25 -2.20 -1.80
C ALA B 255 -8.75 -2.47 -1.83
N ARG B 256 -8.10 -2.61 -0.65
CA ARG B 256 -6.65 -2.94 -0.66
C ARG B 256 -6.40 -4.32 -1.18
N LEU B 257 -5.30 -4.46 -1.94
CA LEU B 257 -4.91 -5.70 -2.60
C LEU B 257 -3.43 -6.03 -2.39
N ASN B 258 -3.15 -7.26 -1.96
CA ASN B 258 -1.76 -7.77 -1.98
C ASN B 258 -1.71 -8.82 -3.09
N VAL B 259 -0.64 -8.78 -3.92
CA VAL B 259 -0.33 -9.78 -4.92
C VAL B 259 1.06 -10.41 -4.70
N GLU B 260 1.08 -11.73 -4.77
CA GLU B 260 2.26 -12.57 -4.89
C GLU B 260 2.16 -13.33 -6.18
N ALA B 261 3.21 -13.22 -7.02
CA ALA B 261 3.13 -13.81 -8.37
C ALA B 261 4.44 -14.46 -8.78
N ASP B 262 4.55 -14.86 -10.05
CA ASP B 262 5.82 -15.43 -10.60
C ASP B 262 7.10 -14.78 -10.06
N SER B 263 8.13 -15.56 -9.75
CA SER B 263 9.39 -14.97 -9.16
C SER B 263 10.58 -15.83 -9.47
N LEU B 264 11.53 -15.30 -10.24
CA LEU B 264 12.62 -16.11 -10.77
C LEU B 264 13.76 -15.86 -9.85
N ASN B 265 13.66 -16.43 -8.66
CA ASN B 265 14.60 -16.19 -7.60
C ASN B 265 16.03 -16.60 -7.96
N SER B 266 17.01 -15.90 -7.40
CA SER B 266 18.39 -16.10 -7.82
C SER B 266 19.24 -16.62 -6.67
N ALA B 267 20.32 -17.27 -7.02
CA ALA B 267 21.34 -17.65 -5.97
C ALA B 267 22.64 -17.20 -6.60
N ILE B 268 23.52 -16.54 -5.83
CA ILE B 268 24.74 -15.97 -6.45
C ILE B 268 25.94 -16.50 -5.73
N LEU B 269 26.82 -17.17 -6.46
CA LEU B 269 28.05 -17.73 -5.84
C LEU B 269 29.09 -16.61 -5.99
N CYS B 270 29.58 -16.13 -4.85
CA CYS B 270 30.53 -15.01 -4.83
C CYS B 270 31.92 -15.41 -5.42
N ALA B 271 32.71 -14.39 -5.75
CA ALA B 271 33.99 -14.66 -6.36
C ALA B 271 34.98 -15.36 -5.53
N ASP B 272 34.91 -15.15 -4.20
CA ASP B 272 35.82 -15.80 -3.28
C ASP B 272 35.49 -17.28 -2.99
N ALA B 273 34.27 -17.75 -3.39
CA ALA B 273 33.83 -19.06 -2.99
C ALA B 273 34.21 -20.07 -4.10
N THR B 274 35.51 -20.31 -4.22
CA THR B 274 36.04 -21.22 -5.22
C THR B 274 35.91 -22.68 -4.72
N PRO B 275 36.22 -23.65 -5.59
CA PRO B 275 35.84 -25.04 -5.30
C PRO B 275 36.52 -25.63 -4.09
N ASP B 276 37.68 -25.07 -3.75
CA ASP B 276 38.42 -25.48 -2.53
C ASP B 276 37.93 -24.96 -1.17
N THR B 277 37.00 -24.00 -1.14
CA THR B 277 36.54 -23.36 0.11
C THR B 277 35.19 -23.93 0.57
N PRO B 278 34.86 -23.82 1.87
CA PRO B 278 33.63 -24.29 2.53
C PRO B 278 32.35 -23.71 1.90
N ALA B 279 32.42 -22.45 1.48
CA ALA B 279 31.22 -21.80 0.96
C ALA B 279 30.74 -22.43 -0.35
N PHE B 280 31.65 -23.03 -1.18
CA PHE B 280 31.25 -23.71 -2.48
C PHE B 280 30.20 -24.80 -2.22
N ASP B 281 30.50 -25.68 -1.26
CA ASP B 281 29.59 -26.80 -1.01
C ASP B 281 28.25 -26.33 -0.42
N LEU B 282 28.27 -25.26 0.40
CA LEU B 282 27.00 -24.65 0.96
C LEU B 282 26.10 -24.24 -0.21
N PHE B 283 26.71 -23.71 -1.26
CA PHE B 283 25.97 -23.27 -2.45
C PHE B 283 25.38 -24.48 -3.19
N ILE B 284 26.22 -25.50 -3.46
CA ILE B 284 25.75 -26.66 -4.17
C ILE B 284 24.53 -27.28 -3.46
N LYS B 285 24.67 -27.49 -2.15
CA LYS B 285 23.63 -28.07 -1.26
C LYS B 285 22.30 -27.29 -1.29
N GLU B 286 22.38 -25.97 -1.28
CA GLU B 286 21.15 -25.16 -1.15
C GLU B 286 20.40 -25.18 -2.51
N VAL B 287 21.15 -25.18 -3.59
CA VAL B 287 20.54 -25.18 -4.93
C VAL B 287 19.74 -26.47 -5.11
N VAL B 288 20.40 -27.59 -4.84
CA VAL B 288 19.73 -28.91 -4.96
C VAL B 288 18.55 -28.99 -3.98
N ARG B 289 18.71 -28.51 -2.73
CA ARG B 289 17.54 -28.45 -1.82
C ARG B 289 16.26 -27.78 -2.44
N GLU B 290 16.47 -26.60 -3.04
CA GLU B 290 15.35 -25.77 -3.47
C GLU B 290 14.82 -26.25 -4.78
N MET B 291 15.64 -26.95 -5.57
CA MET B 291 15.08 -27.65 -6.73
C MET B 291 14.18 -28.81 -6.36
N THR B 292 14.44 -29.47 -5.22
CA THR B 292 13.84 -30.71 -4.99
C THR B 292 12.78 -30.74 -3.88
N VAL B 293 12.88 -29.82 -2.90
CA VAL B 293 11.77 -29.74 -1.85
C VAL B 293 10.42 -29.48 -2.58
N LYS B 294 9.43 -30.35 -2.32
CA LYS B 294 8.11 -30.27 -3.04
C LYS B 294 8.25 -30.25 -4.51
N SER B 295 9.26 -30.93 -5.06
CA SER B 295 9.45 -30.94 -6.53
C SER B 295 9.64 -29.52 -7.04
N GLY B 296 10.27 -28.65 -6.24
CA GLY B 296 10.50 -27.24 -6.68
C GLY B 296 9.25 -26.38 -6.77
N GLN B 297 8.19 -26.80 -6.10
CA GLN B 297 6.96 -26.02 -6.05
C GLN B 297 6.83 -25.05 -4.87
N LYS B 298 7.92 -24.42 -4.45
CA LYS B 298 7.80 -23.24 -3.61
C LYS B 298 7.93 -22.03 -4.44
N CYS B 299 7.15 -20.99 -4.12
CA CYS B 299 7.26 -19.70 -4.84
C CYS B 299 8.71 -19.07 -4.74
N THR B 300 9.37 -19.37 -3.61
CA THR B 300 10.67 -18.87 -3.28
C THR B 300 11.85 -19.70 -3.86
N ALA B 301 11.59 -20.85 -4.50
CA ALA B 301 12.68 -21.75 -4.94
C ALA B 301 13.69 -21.03 -5.88
N ILE B 302 14.97 -21.34 -5.73
CA ILE B 302 16.00 -20.86 -6.67
C ILE B 302 15.64 -21.34 -8.12
N ARG B 303 15.50 -20.41 -9.07
CA ARG B 303 15.27 -20.71 -10.47
C ARG B 303 16.53 -20.41 -11.35
N ARG B 304 17.37 -19.46 -10.88
CA ARG B 304 18.56 -18.97 -11.61
C ARG B 304 19.74 -18.94 -10.67
N ALA B 305 20.84 -19.54 -11.10
CA ALA B 305 22.02 -19.64 -10.28
C ALA B 305 23.17 -19.03 -11.08
N PHE B 306 23.83 -18.02 -10.48
CA PHE B 306 24.87 -17.27 -11.22
C PHE B 306 26.21 -17.50 -10.56
N VAL B 307 27.23 -17.88 -11.35
CA VAL B 307 28.51 -18.32 -10.76
C VAL B 307 29.62 -17.73 -11.63
N PRO B 308 30.77 -17.41 -11.06
CA PRO B 308 31.92 -16.94 -11.93
C PRO B 308 32.26 -17.82 -13.13
N GLU B 309 32.61 -17.19 -14.27
CA GLU B 309 33.03 -17.98 -15.43
C GLU B 309 33.93 -19.18 -15.18
N ALA B 310 34.96 -18.95 -14.34
CA ALA B 310 35.97 -19.94 -13.98
C ALA B 310 35.40 -21.12 -13.23
N ALA B 311 34.31 -20.84 -12.48
CA ALA B 311 33.68 -21.82 -11.61
C ALA B 311 32.56 -22.60 -12.29
N LEU B 312 32.20 -22.26 -13.53
CA LEU B 312 31.06 -22.92 -14.17
C LEU B 312 31.12 -24.46 -14.30
N GLU B 313 32.26 -25.01 -14.82
CA GLU B 313 32.43 -26.45 -14.89
C GLU B 313 32.38 -27.17 -13.55
N PRO B 314 33.24 -26.76 -12.58
CA PRO B 314 33.16 -27.38 -11.28
C PRO B 314 31.73 -27.29 -10.64
N VAL B 315 31.04 -26.16 -10.78
CA VAL B 315 29.58 -26.08 -10.41
C VAL B 315 28.68 -27.16 -11.06
N LEU B 316 28.72 -27.23 -12.38
CA LEU B 316 27.87 -28.18 -13.07
C LEU B 316 28.21 -29.61 -12.61
N GLU B 317 29.51 -29.89 -12.41
CA GLU B 317 29.89 -31.26 -11.98
C GLU B 317 29.40 -31.62 -10.58
N ALA B 318 29.60 -30.70 -9.61
CA ALA B 318 29.12 -30.85 -8.25
C ALA B 318 27.59 -30.94 -8.16
N LEU B 319 26.86 -30.17 -8.99
CA LEU B 319 25.36 -30.27 -8.95
C LEU B 319 24.86 -31.60 -9.53
N LYS B 320 25.49 -32.04 -10.62
CA LYS B 320 25.19 -33.32 -11.21
C LYS B 320 25.30 -34.41 -10.17
N ALA B 321 26.41 -34.41 -9.40
CA ALA B 321 26.66 -35.50 -8.42
C ALA B 321 25.66 -35.47 -7.25
N LYS B 322 25.27 -34.28 -6.85
CA LYS B 322 24.32 -34.20 -5.75
C LYS B 322 22.89 -34.54 -6.19
N LEU B 323 22.49 -34.03 -7.36
CA LEU B 323 21.19 -34.36 -7.88
C LEU B 323 21.01 -35.85 -8.10
N ALA B 324 22.11 -36.55 -8.44
CA ALA B 324 22.11 -38.02 -8.66
C ALA B 324 21.63 -38.82 -7.47
N LYS B 325 21.74 -38.24 -6.29
CA LYS B 325 21.29 -38.93 -5.09
C LYS B 325 19.82 -38.81 -4.84
N ILE B 326 19.15 -37.99 -5.66
CA ILE B 326 17.72 -37.70 -5.44
C ILE B 326 16.86 -38.75 -6.10
N THR B 327 16.22 -39.60 -5.30
CA THR B 327 15.34 -40.65 -5.89
C THR B 327 13.92 -40.11 -5.97
N VAL B 328 13.16 -40.55 -6.99
CA VAL B 328 11.85 -40.01 -7.28
C VAL B 328 10.77 -41.11 -7.37
N GLY B 329 9.58 -40.86 -6.82
CA GLY B 329 8.54 -41.90 -6.77
C GLY B 329 7.44 -41.57 -5.77
N ASN B 330 6.86 -42.68 -5.27
CA ASN B 330 5.76 -42.66 -4.35
C ASN B 330 6.29 -42.26 -2.96
N PRO B 331 5.76 -41.18 -2.36
CA PRO B 331 6.26 -40.73 -1.00
C PRO B 331 5.99 -41.72 0.13
N ARG B 332 5.15 -42.73 -0.11
CA ARG B 332 4.88 -43.77 0.92
C ARG B 332 6.07 -44.69 1.17
N ASN B 333 7.01 -44.70 0.24
CA ASN B 333 8.22 -45.51 0.33
C ASN B 333 9.33 -44.69 0.94
N ASP B 334 9.91 -45.14 2.05
CA ASP B 334 10.95 -44.38 2.71
C ASP B 334 12.26 -44.18 1.92
N ALA B 335 12.42 -44.87 0.80
CA ALA B 335 13.66 -44.73 -0.01
C ALA B 335 13.54 -43.52 -0.96
N VAL B 336 12.34 -42.92 -0.98
CA VAL B 336 12.05 -41.81 -1.93
C VAL B 336 12.41 -40.47 -1.27
N ARG B 337 13.25 -39.73 -2.01
CA ARG B 337 13.69 -38.40 -1.62
C ARG B 337 12.77 -37.26 -2.13
N MET B 338 12.04 -37.49 -3.22
CA MET B 338 11.25 -36.46 -3.84
C MET B 338 10.01 -37.14 -4.51
N GLY B 339 8.81 -36.61 -4.21
CA GLY B 339 7.52 -37.10 -4.67
C GLY B 339 7.09 -36.49 -5.99
N SER B 340 5.82 -36.16 -6.08
CA SER B 340 5.25 -35.76 -7.36
C SER B 340 5.00 -34.27 -7.33
N LEU B 341 4.61 -33.73 -8.49
CA LEU B 341 4.02 -32.38 -8.50
C LEU B 341 2.54 -32.57 -7.98
N VAL B 342 1.78 -31.48 -7.83
CA VAL B 342 0.45 -31.56 -7.19
C VAL B 342 -0.60 -32.25 -8.06
N SER B 343 -0.36 -32.30 -9.37
CA SER B 343 -1.40 -32.84 -10.27
C SER B 343 -0.76 -33.17 -11.59
N ARG B 344 -1.49 -33.99 -12.36
CA ARG B 344 -1.08 -34.31 -13.74
C ARG B 344 -1.17 -33.09 -14.63
N GLU B 345 -2.20 -32.23 -14.46
CA GLU B 345 -2.29 -30.94 -15.14
C GLU B 345 -1.05 -30.09 -14.98
N GLN B 346 -0.54 -30.01 -13.76
CA GLN B 346 0.69 -29.23 -13.52
C GLN B 346 1.88 -29.89 -14.13
N TYR B 347 1.92 -31.21 -14.07
CA TYR B 347 2.96 -31.97 -14.73
C TYR B 347 3.01 -31.57 -16.22
N GLU B 348 1.87 -31.50 -16.91
CA GLU B 348 1.91 -30.97 -18.28
C GLU B 348 2.50 -29.54 -18.43
N ASN B 349 2.09 -28.64 -17.55
CA ASN B 349 2.67 -27.30 -17.55
C ASN B 349 4.18 -27.33 -17.41
N VAL B 350 4.63 -28.09 -16.40
CA VAL B 350 6.05 -28.22 -16.24
C VAL B 350 6.80 -28.88 -17.42
N LEU B 351 6.26 -29.94 -18.03
CA LEU B 351 6.94 -30.52 -19.19
C LEU B 351 6.97 -29.52 -20.35
N ALA B 352 5.86 -28.80 -20.54
CA ALA B 352 5.84 -27.72 -21.60
C ALA B 352 6.90 -26.63 -21.42
N GLY B 353 7.05 -26.20 -20.16
CA GLY B 353 8.05 -25.23 -19.64
C GLY B 353 9.45 -25.75 -19.94
N ILE B 354 9.72 -27.01 -19.61
CA ILE B 354 11.03 -27.61 -19.93
C ILE B 354 11.30 -27.59 -21.48
N ALA B 355 10.30 -27.98 -22.26
CA ALA B 355 10.52 -27.98 -23.69
C ALA B 355 10.80 -26.55 -24.22
N ALA B 356 10.15 -25.53 -23.66
CA ALA B 356 10.39 -24.16 -24.19
C ALA B 356 11.82 -23.71 -23.72
N LEU B 357 12.22 -24.04 -22.49
CA LEU B 357 13.60 -23.62 -22.04
C LEU B 357 14.68 -24.31 -22.89
N ARG B 358 14.41 -25.55 -23.31
CA ARG B 358 15.42 -26.35 -24.05
C ARG B 358 15.83 -25.66 -25.35
N GLU B 359 14.93 -24.86 -25.90
CA GLU B 359 15.25 -24.16 -27.16
C GLU B 359 16.32 -23.10 -27.09
N GLU B 360 16.67 -22.70 -25.87
CA GLU B 360 17.70 -21.67 -25.63
C GLU B 360 18.77 -22.04 -24.64
N ALA B 361 18.73 -23.25 -24.12
CA ALA B 361 19.69 -23.64 -23.07
C ALA B 361 20.12 -25.06 -23.31
N VAL B 362 21.23 -25.45 -22.67
CA VAL B 362 21.68 -26.80 -22.80
C VAL B 362 21.28 -27.58 -21.56
N LEU B 363 20.80 -28.80 -21.75
CA LEU B 363 20.41 -29.71 -20.62
C LEU B 363 21.62 -30.44 -19.98
N ALA B 364 22.14 -29.92 -18.87
CA ALA B 364 23.24 -30.54 -18.17
C ALA B 364 22.89 -31.78 -17.33
N TYR B 365 21.66 -31.86 -16.79
CA TYR B 365 21.30 -33.05 -15.98
C TYR B 365 19.82 -33.31 -16.17
N ASP B 366 19.44 -34.58 -16.29
CA ASP B 366 18.00 -34.93 -16.38
C ASP B 366 17.95 -36.40 -16.15
N SER B 367 17.34 -36.83 -15.03
CA SER B 367 17.29 -38.26 -14.67
C SER B 367 15.92 -38.94 -14.97
N SER B 368 15.24 -38.42 -15.99
CA SER B 368 13.92 -38.87 -16.42
C SER B 368 13.85 -40.34 -16.87
N ALA B 369 14.95 -40.87 -17.38
CA ALA B 369 14.97 -42.31 -17.72
C ALA B 369 14.97 -43.26 -16.51
N VAL B 370 15.25 -42.76 -15.28
CA VAL B 370 15.30 -43.61 -14.14
C VAL B 370 13.86 -44.05 -13.79
N PRO B 371 13.63 -45.37 -13.58
CA PRO B 371 12.21 -45.73 -13.27
C PRO B 371 11.79 -45.20 -11.89
N LEU B 372 10.54 -44.80 -11.80
CA LEU B 372 10.00 -44.26 -10.55
C LEU B 372 9.90 -45.36 -9.52
N ILE B 373 10.03 -45.03 -8.24
CA ILE B 373 9.87 -46.03 -7.17
C ILE B 373 8.35 -46.13 -6.84
N ASP B 374 7.77 -47.31 -7.02
CA ASP B 374 6.35 -47.60 -6.61
C ASP B 374 5.35 -46.65 -7.26
N ALA B 375 5.60 -46.33 -8.52
CA ALA B 375 4.67 -45.49 -9.26
C ALA B 375 4.83 -45.71 -10.75
N ASP B 376 3.75 -45.46 -11.52
CA ASP B 376 3.69 -45.59 -13.00
C ASP B 376 3.79 -44.19 -13.68
N ALA B 377 4.88 -43.99 -14.44
CA ALA B 377 5.17 -42.68 -15.08
C ALA B 377 4.07 -42.17 -16.00
N ASN B 378 3.24 -43.10 -16.50
CA ASN B 378 2.07 -42.71 -17.30
C ASN B 378 0.78 -42.34 -16.47
N ILE B 379 0.82 -42.47 -15.14
CA ILE B 379 -0.29 -42.08 -14.23
C ILE B 379 0.13 -40.91 -13.32
N ALA B 380 1.33 -41.06 -12.71
CA ALA B 380 1.83 -40.15 -11.69
C ALA B 380 2.30 -38.83 -12.30
N ALA B 381 2.36 -37.79 -11.52
CA ALA B 381 2.78 -36.42 -11.90
C ALA B 381 4.23 -36.15 -11.48
N CYS B 382 5.04 -37.19 -11.55
CA CYS B 382 6.42 -37.15 -11.16
C CYS B 382 7.24 -36.57 -12.34
N VAL B 383 8.09 -35.61 -12.02
CA VAL B 383 9.06 -35.05 -12.91
C VAL B 383 10.45 -35.13 -12.20
N ALA B 384 11.45 -35.57 -12.99
CA ALA B 384 12.85 -35.71 -12.50
C ALA B 384 13.55 -34.37 -12.45
N PRO B 385 14.54 -34.17 -11.57
CA PRO B 385 15.22 -32.91 -11.71
C PRO B 385 15.86 -32.68 -13.08
N HIS B 386 15.72 -31.45 -13.55
CA HIS B 386 16.40 -30.98 -14.77
C HIS B 386 17.30 -29.78 -14.47
N LEU B 387 18.57 -29.82 -14.89
CA LEU B 387 19.48 -28.66 -14.72
C LEU B 387 19.90 -28.16 -16.09
N PHE B 388 19.58 -26.90 -16.38
CA PHE B 388 19.92 -26.27 -17.68
C PHE B 388 21.16 -25.44 -17.50
N VAL B 389 21.89 -25.25 -18.59
CA VAL B 389 23.01 -24.27 -18.66
C VAL B 389 22.79 -23.26 -19.76
N VAL B 390 22.96 -22.00 -19.37
CA VAL B 390 22.85 -20.81 -20.29
C VAL B 390 24.16 -20.09 -20.33
N ASN B 391 24.91 -20.29 -21.43
CA ASN B 391 26.25 -19.73 -21.49
C ASN B 391 26.37 -18.22 -21.67
N ASP B 392 25.36 -17.63 -22.32
CA ASP B 392 25.32 -16.19 -22.57
C ASP B 392 24.09 -15.51 -21.93
N PRO B 393 24.09 -15.34 -20.62
CA PRO B 393 22.86 -14.84 -20.00
C PRO B 393 22.52 -13.40 -20.40
N ASP B 394 23.50 -12.63 -20.92
CA ASP B 394 23.24 -11.21 -21.35
C ASP B 394 22.25 -11.19 -22.51
N ASN B 395 22.35 -12.19 -23.35
CA ASN B 395 21.55 -12.20 -24.55
C ASN B 395 20.40 -13.21 -24.52
N ALA B 396 20.28 -13.92 -23.39
CA ALA B 396 19.24 -14.98 -23.22
C ALA B 396 17.82 -14.43 -23.28
N THR B 397 16.98 -15.19 -24.01
CA THR B 397 15.65 -14.80 -24.41
C THR B 397 14.66 -15.23 -23.37
N LEU B 398 14.96 -16.33 -22.67
CA LEU B 398 13.99 -17.03 -21.80
C LEU B 398 14.40 -17.17 -20.34
N LEU B 399 15.73 -17.18 -20.07
CA LEU B 399 16.23 -17.45 -18.70
C LEU B 399 15.57 -16.56 -17.67
N HIS B 400 15.45 -15.28 -18.06
CA HIS B 400 15.05 -14.24 -17.06
C HIS B 400 13.56 -14.01 -17.09
N ASP B 401 12.88 -14.65 -18.02
CA ASP B 401 11.44 -14.38 -18.17
C ASP B 401 10.46 -15.54 -17.88
N VAL B 402 10.89 -16.80 -18.04
CA VAL B 402 9.96 -17.92 -18.03
C VAL B 402 10.18 -18.77 -16.75
N GLU B 403 9.13 -18.84 -15.93
CA GLU B 403 9.21 -19.54 -14.65
C GLU B 403 8.73 -20.96 -14.92
N VAL B 404 9.50 -21.97 -14.48
CA VAL B 404 9.04 -23.36 -14.63
C VAL B 404 8.83 -23.89 -13.23
N PHE B 405 7.55 -24.15 -12.90
CA PHE B 405 7.18 -24.34 -11.46
C PHE B 405 7.32 -25.83 -11.05
N GLY B 406 8.57 -26.31 -11.20
CA GLY B 406 8.93 -27.70 -11.10
C GLY B 406 10.38 -27.81 -10.58
N PRO B 407 10.96 -29.01 -10.63
CA PRO B 407 12.30 -29.24 -10.07
C PRO B 407 13.33 -28.88 -11.12
N VAL B 408 13.29 -27.61 -11.52
CA VAL B 408 14.06 -27.16 -12.72
C VAL B 408 14.83 -25.91 -12.35
N ALA B 409 16.10 -25.76 -12.79
CA ALA B 409 16.80 -24.52 -12.58
C ALA B 409 17.85 -24.35 -13.71
N SER B 410 18.21 -23.10 -13.96
CA SER B 410 19.26 -22.81 -14.96
C SER B 410 20.49 -22.20 -14.26
N VAL B 411 21.66 -22.65 -14.68
CA VAL B 411 22.94 -22.06 -14.24
C VAL B 411 23.50 -21.21 -15.37
N ALA B 412 24.14 -20.08 -14.98
CA ALA B 412 24.73 -19.13 -15.95
C ALA B 412 25.97 -18.54 -15.38
N PRO B 413 27.00 -18.42 -16.21
CA PRO B 413 28.20 -17.73 -15.74
C PRO B 413 28.07 -16.20 -15.71
N TYR B 414 28.77 -15.55 -14.77
CA TYR B 414 28.91 -14.11 -14.86
C TYR B 414 30.41 -13.70 -14.95
N ARG B 415 30.66 -12.52 -15.51
CA ARG B 415 32.07 -12.01 -15.69
C ARG B 415 32.43 -11.29 -14.39
N VAL B 416 33.43 -11.83 -13.71
CA VAL B 416 33.93 -11.22 -12.44
C VAL B 416 34.47 -9.80 -12.69
N THR B 417 34.06 -8.85 -11.83
CA THR B 417 34.46 -7.47 -11.94
C THR B 417 35.69 -7.37 -11.07
N THR B 418 36.83 -7.13 -11.71
CA THR B 418 37.99 -7.08 -10.91
C THR B 418 38.90 -5.84 -10.99
N ASP B 419 38.26 -4.71 -11.31
CA ASP B 419 38.71 -3.43 -11.00
C ASP B 419 38.62 -3.24 -9.50
N LEU B 423 32.06 -4.11 -6.65
CA LEU B 423 31.82 -5.43 -6.13
C LEU B 423 32.23 -6.42 -7.18
N PRO B 424 32.88 -7.52 -6.78
CA PRO B 424 33.29 -8.57 -7.76
C PRO B 424 32.04 -9.17 -8.44
N GLU B 425 30.93 -9.13 -7.67
CA GLU B 425 29.65 -9.73 -8.07
C GLU B 425 28.72 -8.79 -8.82
N ALA B 426 29.22 -7.59 -9.15
CA ALA B 426 28.42 -6.61 -9.93
C ALA B 426 27.61 -7.16 -11.12
N HIS B 427 28.23 -7.96 -12.02
CA HIS B 427 27.48 -8.46 -13.19
C HIS B 427 26.35 -9.40 -12.69
N ALA B 428 26.62 -10.12 -11.59
CA ALA B 428 25.59 -11.09 -11.06
C ALA B 428 24.40 -10.33 -10.50
N VAL B 429 24.69 -9.20 -9.86
CA VAL B 429 23.65 -8.30 -9.34
C VAL B 429 22.77 -7.82 -10.50
N ALA B 430 23.41 -7.40 -11.62
CA ALA B 430 22.71 -6.94 -12.80
C ALA B 430 21.85 -8.05 -13.41
N LEU B 431 22.39 -9.26 -13.47
CA LEU B 431 21.65 -10.40 -13.97
C LEU B 431 20.47 -10.76 -13.07
N ALA B 432 20.69 -10.74 -11.76
CA ALA B 432 19.50 -11.00 -10.88
C ALA B 432 18.34 -9.99 -11.10
N ARG B 433 18.71 -8.70 -11.25
CA ARG B 433 17.76 -7.62 -11.59
C ARG B 433 16.94 -7.89 -12.87
N ARG B 434 17.56 -8.59 -13.85
CA ARG B 434 16.85 -8.83 -15.12
C ARG B 434 15.62 -9.73 -14.95
N GLY B 435 15.53 -10.42 -13.81
CA GLY B 435 14.29 -11.17 -13.43
C GLY B 435 13.10 -10.25 -13.10
N GLN B 436 13.34 -8.92 -13.18
CA GLN B 436 12.34 -7.89 -13.03
C GLN B 436 11.68 -7.88 -11.65
N GLY B 437 12.36 -8.30 -10.60
CA GLY B 437 11.75 -8.15 -9.30
C GLY B 437 11.35 -9.49 -8.73
N SER B 438 11.88 -9.86 -7.54
CA SER B 438 11.78 -11.25 -7.03
C SER B 438 11.51 -11.32 -5.53
N LEU B 439 10.94 -12.45 -5.02
CA LEU B 439 10.75 -12.67 -3.52
C LEU B 439 12.05 -12.70 -2.81
N VAL B 440 13.02 -13.40 -3.40
CA VAL B 440 14.32 -13.62 -2.67
C VAL B 440 15.50 -13.86 -3.59
N ALA B 441 16.70 -13.43 -3.14
CA ALA B 441 17.98 -13.84 -3.73
C ALA B 441 18.79 -14.38 -2.52
N SER B 442 19.54 -15.44 -2.75
CA SER B 442 20.57 -15.87 -1.76
C SER B 442 21.99 -15.60 -2.33
N ILE B 443 22.94 -15.41 -1.40
CA ILE B 443 24.34 -15.08 -1.75
C ILE B 443 25.27 -15.93 -0.84
N TYR B 444 26.40 -16.39 -1.38
CA TYR B 444 27.23 -17.44 -0.73
C TYR B 444 28.69 -16.98 -0.76
N SER B 445 29.30 -16.93 0.42
CA SER B 445 30.68 -16.42 0.46
C SER B 445 31.30 -16.97 1.75
N ASN B 446 32.64 -17.07 1.74
CA ASN B 446 33.41 -17.31 3.00
C ASN B 446 33.58 -16.08 3.87
N ASP B 447 33.31 -14.92 3.29
CA ASP B 447 33.54 -13.63 3.91
C ASP B 447 32.28 -12.95 4.44
N ASP B 448 32.02 -13.05 5.73
CA ASP B 448 30.80 -12.47 6.37
C ASP B 448 30.62 -10.97 6.18
N ALA B 449 31.72 -10.21 6.22
CA ALA B 449 31.66 -8.76 5.99
C ALA B 449 31.30 -8.41 4.53
N HIS B 450 31.84 -9.17 3.57
CA HIS B 450 31.51 -8.99 2.13
C HIS B 450 30.00 -9.15 1.92
N LEU B 451 29.40 -10.07 2.68
CA LEU B 451 27.93 -10.40 2.45
C LEU B 451 27.01 -9.18 2.70
N GLY B 452 27.36 -8.40 3.75
CA GLY B 452 26.63 -7.19 4.12
C GLY B 452 26.53 -6.18 3.02
N ARG B 453 27.67 -5.82 2.39
CA ARG B 453 27.75 -4.95 1.23
C ARG B 453 26.96 -5.45 -0.02
N LEU B 454 27.16 -6.72 -0.38
CA LEU B 454 26.51 -7.25 -1.52
C LEU B 454 25.00 -7.27 -1.27
N ALA B 455 24.61 -7.60 -0.04
CA ALA B 455 23.13 -7.70 0.24
C ALA B 455 22.37 -6.36 -0.10
N LEU B 456 22.98 -5.25 0.24
CA LEU B 456 22.36 -3.89 -0.01
C LEU B 456 22.26 -3.61 -1.52
N GLU B 457 23.15 -4.19 -2.29
CA GLU B 457 23.04 -4.06 -3.73
C GLU B 457 21.87 -4.78 -4.34
N LEU B 458 21.28 -5.74 -3.61
CA LEU B 458 20.20 -6.58 -4.22
C LEU B 458 18.92 -6.12 -3.59
N ALA B 459 19.02 -5.34 -2.52
CA ALA B 459 17.82 -5.04 -1.66
C ALA B 459 16.67 -4.31 -2.36
N ASP B 460 16.98 -3.49 -3.36
CA ASP B 460 15.92 -2.70 -4.01
C ASP B 460 15.15 -3.51 -5.08
N SER B 461 15.60 -4.75 -5.37
CA SER B 461 14.83 -5.61 -6.30
C SER B 461 14.42 -6.96 -5.74
N HIS B 462 14.64 -7.21 -4.44
CA HIS B 462 14.35 -8.50 -3.79
C HIS B 462 13.73 -8.19 -2.38
N GLY B 463 12.58 -8.82 -2.06
CA GLY B 463 11.91 -8.65 -0.78
C GLY B 463 12.72 -9.25 0.36
N ARG B 464 13.55 -10.24 0.05
CA ARG B 464 14.47 -10.83 1.10
C ARG B 464 15.81 -11.14 0.44
N VAL B 465 16.89 -10.89 1.20
CA VAL B 465 18.19 -11.31 0.71
C VAL B 465 18.75 -12.24 1.79
N HIS B 466 19.17 -13.44 1.39
CA HIS B 466 19.44 -14.52 2.35
C HIS B 466 20.90 -14.95 2.20
N ALA B 467 21.75 -14.62 3.21
CA ALA B 467 23.22 -14.72 2.97
C ALA B 467 23.73 -15.94 3.72
N ILE B 468 24.37 -16.86 2.98
CA ILE B 468 24.86 -18.12 3.54
C ILE B 468 26.39 -18.19 3.56
N SER B 469 26.98 -18.51 4.71
CA SER B 469 28.46 -18.56 4.82
C SER B 469 28.81 -19.59 5.93
N PRO B 470 30.10 -19.98 6.01
CA PRO B 470 30.38 -21.07 6.97
C PRO B 470 30.01 -20.78 8.43
N SER B 471 30.11 -19.52 8.88
CA SER B 471 29.78 -19.29 10.30
C SER B 471 28.33 -19.55 10.65
N VAL B 472 27.48 -19.74 9.62
CA VAL B 472 26.07 -20.00 9.89
C VAL B 472 25.66 -21.25 9.13
N GLN B 473 26.61 -22.15 8.79
CA GLN B 473 26.20 -23.42 8.20
C GLN B 473 25.19 -24.19 9.05
N HIS B 474 25.28 -24.05 10.37
CA HIS B 474 24.46 -24.78 11.28
C HIS B 474 23.21 -24.02 11.71
N SER B 475 23.07 -22.76 11.34
CA SER B 475 22.00 -21.89 11.94
C SER B 475 21.14 -21.21 10.84
N GLN B 476 21.69 -21.03 9.65
CA GLN B 476 20.97 -20.31 8.57
C GLN B 476 19.64 -21.08 8.29
N THR B 477 18.55 -20.32 8.04
CA THR B 477 17.21 -20.87 8.05
C THR B 477 16.70 -21.30 6.69
N GLY B 478 17.57 -21.19 5.69
CA GLY B 478 17.21 -21.76 4.34
C GLY B 478 16.76 -20.66 3.36
N HIS B 479 17.24 -20.75 2.11
CA HIS B 479 16.84 -19.83 1.04
C HIS B 479 15.29 -19.73 0.96
N GLY B 480 14.62 -20.87 0.85
CA GLY B 480 13.24 -20.84 0.39
C GLY B 480 12.31 -20.84 1.58
N ASN B 481 12.86 -21.05 2.79
CA ASN B 481 11.97 -21.13 3.96
C ASN B 481 11.57 -19.77 4.48
N VAL B 482 10.26 -19.54 4.68
CA VAL B 482 9.79 -18.20 5.02
C VAL B 482 9.67 -18.09 6.58
N MET B 483 10.60 -17.38 7.23
CA MET B 483 10.46 -17.16 8.69
C MET B 483 9.43 -16.06 8.90
N PRO B 484 8.44 -16.26 9.77
CA PRO B 484 7.33 -15.32 9.88
C PRO B 484 7.72 -13.95 10.48
N MET B 485 8.80 -13.92 11.28
CA MET B 485 9.30 -12.62 11.71
C MET B 485 9.96 -11.74 10.59
N SER B 486 10.14 -12.29 9.37
CA SER B 486 10.77 -11.60 8.26
C SER B 486 9.78 -11.35 7.15
N LEU B 487 10.00 -10.23 6.45
CA LEU B 487 9.11 -9.87 5.28
C LEU B 487 9.06 -10.99 4.23
N HIS B 488 7.86 -11.18 3.65
CA HIS B 488 7.63 -12.04 2.53
C HIS B 488 6.88 -11.29 1.38
N GLY B 489 7.52 -11.19 0.25
CA GLY B 489 6.90 -10.55 -0.99
C GLY B 489 8.07 -9.96 -1.77
N GLY B 490 7.79 -9.30 -2.87
CA GLY B 490 8.86 -8.71 -3.68
C GLY B 490 8.29 -7.74 -4.68
N PRO B 491 9.13 -6.85 -5.23
CA PRO B 491 8.68 -5.85 -6.16
C PRO B 491 8.50 -6.38 -7.54
N GLY B 492 7.90 -5.54 -8.39
CA GLY B 492 7.88 -5.87 -9.82
C GLY B 492 7.12 -7.16 -10.23
N ARG B 493 7.78 -8.05 -10.95
CA ARG B 493 7.17 -9.31 -11.39
C ARG B 493 6.57 -10.16 -10.22
N ALA B 494 7.26 -10.19 -9.08
CA ALA B 494 6.86 -10.94 -7.92
C ALA B 494 5.56 -10.39 -7.29
N GLY B 495 5.16 -9.20 -7.71
CA GLY B 495 3.81 -8.67 -7.46
C GLY B 495 3.66 -7.33 -6.73
N GLY B 496 4.75 -6.86 -6.09
CA GLY B 496 4.70 -5.61 -5.34
C GLY B 496 4.10 -5.74 -3.93
N GLY B 497 4.03 -6.94 -3.35
CA GLY B 497 3.28 -7.23 -2.12
C GLY B 497 4.21 -7.35 -0.94
N GLU B 498 3.60 -7.28 0.24
CA GLU B 498 4.29 -7.42 1.55
C GLU B 498 3.35 -8.21 2.46
N ALA B 499 3.89 -9.24 3.09
CA ALA B 499 3.22 -10.01 4.12
C ALA B 499 4.20 -10.36 5.24
N LEU B 500 3.67 -10.87 6.32
CA LEU B 500 4.50 -11.30 7.38
C LEU B 500 5.42 -10.19 7.90
N GLY B 501 6.63 -10.53 8.26
CA GLY B 501 7.40 -9.45 8.84
C GLY B 501 7.02 -9.08 10.27
N GLY B 502 6.43 -10.09 10.88
CA GLY B 502 6.14 -10.02 12.28
C GLY B 502 4.98 -9.07 12.47
N LEU B 503 5.17 -8.06 13.33
CA LEU B 503 4.23 -6.99 13.58
C LEU B 503 3.87 -6.19 12.33
N ARG B 504 4.77 -6.15 11.38
CA ARG B 504 4.53 -5.44 10.10
C ARG B 504 3.26 -5.88 9.41
N ALA B 505 2.89 -7.14 9.64
CA ALA B 505 1.71 -7.78 8.91
C ALA B 505 0.40 -7.19 9.39
N LEU B 506 0.41 -6.56 10.57
CA LEU B 506 -0.87 -6.05 11.12
C LEU B 506 -1.38 -4.87 10.37
N ALA B 507 -0.49 -4.06 9.81
CA ALA B 507 -0.94 -2.86 9.13
C ALA B 507 -1.87 -3.12 7.94
N PHE B 508 -1.64 -4.11 7.10
CA PHE B 508 -2.53 -4.41 5.95
C PHE B 508 -3.98 -4.58 6.41
N TYR B 509 -4.20 -5.00 7.66
CA TYR B 509 -5.56 -5.22 8.18
C TYR B 509 -6.16 -4.07 9.03
N HIS B 510 -5.41 -2.98 9.19
CA HIS B 510 -5.85 -1.86 9.99
C HIS B 510 -5.99 -0.58 9.14
N ARG B 511 -6.71 0.40 9.66
CA ARG B 511 -6.74 1.74 9.10
C ARG B 511 -5.93 2.63 10.05
N ARG B 512 -5.00 3.37 9.48
CA ARG B 512 -4.13 4.33 10.20
C ARG B 512 -4.75 5.73 10.26
N SER B 513 -4.70 6.36 11.43
CA SER B 513 -5.25 7.71 11.63
C SER B 513 -4.39 8.58 12.49
N ALA B 514 -4.25 9.83 12.08
CA ALA B 514 -3.56 10.86 12.93
C ALA B 514 -4.61 11.49 13.85
N ILE B 515 -4.45 11.31 15.16
CA ILE B 515 -5.34 12.05 16.09
C ILE B 515 -4.63 13.26 16.62
N GLN B 516 -5.24 14.44 16.43
CA GLN B 516 -4.61 15.73 16.86
C GLN B 516 -5.54 16.34 17.88
N ALA B 517 -5.06 16.60 19.11
CA ALA B 517 -5.95 16.98 20.21
C ALA B 517 -5.16 17.60 21.36
N ALA B 518 -5.92 18.18 22.33
CA ALA B 518 -5.30 18.62 23.58
C ALA B 518 -4.52 17.48 24.21
N SER B 519 -3.48 17.80 25.00
CA SER B 519 -2.62 16.74 25.50
C SER B 519 -3.36 15.79 26.44
N ALA B 520 -4.28 16.33 27.26
CA ALA B 520 -5.11 15.42 28.11
C ALA B 520 -5.97 14.45 27.27
N ALA B 521 -6.45 14.87 26.11
CA ALA B 521 -7.18 13.91 25.27
C ALA B 521 -6.22 12.84 24.70
N ILE B 522 -5.01 13.23 24.30
CA ILE B 522 -4.04 12.28 23.79
C ILE B 522 -3.66 11.33 24.97
N GLY B 523 -3.51 11.89 26.18
CA GLY B 523 -3.27 11.00 27.34
C GLY B 523 -4.41 9.99 27.50
N THR B 524 -5.67 10.42 27.44
CA THR B 524 -6.74 9.42 27.63
C THR B 524 -6.78 8.40 26.51
N LEU B 525 -6.60 8.82 25.23
CA LEU B 525 -6.49 7.91 24.05
C LEU B 525 -5.42 6.85 24.34
N THR B 526 -4.28 7.31 24.82
CA THR B 526 -3.12 6.47 24.96
C THR B 526 -3.39 5.35 26.01
N GLN B 527 -4.16 5.69 27.02
CA GLN B 527 -4.52 4.69 28.04
C GLN B 527 -5.35 3.54 27.51
N ALA B 528 -6.03 3.75 26.36
CA ALA B 528 -6.91 2.75 25.71
C ALA B 528 -6.21 1.98 24.58
N THR B 529 -4.90 2.23 24.40
CA THR B 529 -4.13 1.61 23.33
C THR B 529 -2.82 0.93 23.82
N HIS B 530 -2.05 0.30 22.91
CA HIS B 530 -0.75 -0.35 23.24
C HIS B 530 0.15 -0.46 22.04
N TRP B 531 1.47 -0.56 22.26
CA TRP B 531 2.40 -1.15 21.28
C TRP B 531 3.65 -1.65 21.98
#